data_4KWD
#
_entry.id   4KWD
#
_cell.length_a   123.865
_cell.length_b   123.865
_cell.length_c   202.081
_cell.angle_alpha   90.00
_cell.angle_beta   90.00
_cell.angle_gamma   120.00
#
_symmetry.space_group_name_H-M   'P 31 2 1'
#
loop_
_entity.id
_entity.type
_entity.pdbx_description
1 polymer 'Aristolochene synthase'
2 non-polymer 'PYROPHOSPHATE 2-'
3 non-polymer 'MAGNESIUM ION'
4 non-polymer (1R,5R,8R,9aS)-1,9a-dimethyl-8-(prop-1-en-2-yl)octahydro-2H-quinolizinium
5 non-polymer GLYCEROL
6 water water
#
_entity_poly.entity_id   1
_entity_poly.type   'polypeptide(L)'
_entity_poly.pdbx_seq_one_letter_code
;MHHHHHHLEPPPSTFQPLCHPLVEEVSKEVDGYFLQHWNFPNEKARKKFVAAGFSRVTCLYFPKALDDRIHFACRLLTVL
FLIDDLLEYMSFEEGSAYNEKLIPISRGDVLPDRSIPVEYIIYDLWESMRAHDREMADEILEPVFLFMRAQTDRTRARPM
GLGGYLEYRERDVGKELLAALMRFSMGLKLSPSELQRVREIDANCSKHLSVVNDIYSYEKELYTSKTAHSEGGILCTSVQ
ILAQEADVTAEAAKRVLFVMCREWELRHQLLVARLSAEGLETPGLAAYVEGLEYQMSGNELWSQTTLRYSVVVD
;
_entity_poly.pdbx_strand_id   A,B,C,D
#
# COMPACT_ATOMS: atom_id res chain seq x y z
N LEU A 8 -41.43 11.00 -1.73
CA LEU A 8 -40.01 11.09 -2.15
C LEU A 8 -39.50 9.73 -2.66
N GLU A 9 -39.24 9.64 -3.96
CA GLU A 9 -38.90 8.37 -4.58
C GLU A 9 -37.38 8.24 -4.56
N PRO A 10 -36.85 7.29 -3.79
CA PRO A 10 -35.37 7.30 -3.75
C PRO A 10 -34.78 6.87 -5.09
N PRO A 11 -33.68 7.51 -5.50
CA PRO A 11 -32.97 7.04 -6.68
C PRO A 11 -32.41 5.62 -6.47
N PRO A 12 -32.05 4.93 -7.56
CA PRO A 12 -31.57 3.55 -7.52
C PRO A 12 -30.32 3.43 -6.66
N SER A 13 -30.24 2.36 -5.87
CA SER A 13 -29.04 1.98 -5.12
C SER A 13 -28.76 0.49 -5.30
N THR A 14 -27.49 0.11 -5.39
CA THR A 14 -27.07 -1.29 -5.47
C THR A 14 -26.88 -1.93 -4.08
N PHE A 15 -27.02 -1.12 -3.03
CA PHE A 15 -26.71 -1.60 -1.65
C PHE A 15 -27.88 -2.41 -1.11
N GLN A 16 -27.66 -3.65 -0.62
CA GLN A 16 -28.74 -4.42 0.03
C GLN A 16 -28.68 -4.28 1.57
N PRO A 17 -29.66 -3.56 2.18
CA PRO A 17 -29.61 -3.50 3.67
C PRO A 17 -29.82 -4.88 4.31
N LEU A 18 -29.23 -5.11 5.49
CA LEU A 18 -29.40 -6.40 6.17
C LEU A 18 -29.73 -6.06 7.62
N CYS A 19 -30.50 -6.91 8.27
CA CYS A 19 -30.90 -6.64 9.65
C CYS A 19 -30.41 -7.80 10.53
N HIS A 20 -29.91 -7.48 11.72
CA HIS A 20 -29.46 -8.54 12.61
C HIS A 20 -30.57 -9.59 12.84
N PRO A 21 -30.20 -10.87 12.86
CA PRO A 21 -31.23 -11.91 13.00
C PRO A 21 -31.96 -11.91 14.33
N LEU A 22 -31.35 -11.32 15.36
CA LEU A 22 -31.99 -11.31 16.69
C LEU A 22 -32.79 -10.03 16.98
N VAL A 23 -33.21 -9.31 15.93
CA VAL A 23 -33.83 -8.00 16.14
C VAL A 23 -35.08 -8.05 17.00
N GLU A 24 -35.91 -9.08 16.80
CA GLU A 24 -37.15 -9.13 17.58
C GLU A 24 -36.89 -9.31 19.09
N GLU A 25 -36.07 -10.30 19.40
CA GLU A 25 -35.81 -10.58 20.80
C GLU A 25 -35.02 -9.44 21.48
N VAL A 26 -34.04 -8.89 20.77
CA VAL A 26 -33.22 -7.84 21.38
C VAL A 26 -34.02 -6.53 21.50
N SER A 27 -34.86 -6.22 20.51
CA SER A 27 -35.69 -5.05 20.61
C SER A 27 -36.66 -5.10 21.80
N LYS A 28 -37.21 -6.28 22.05
CA LYS A 28 -38.16 -6.45 23.17
C LYS A 28 -37.42 -6.22 24.48
N GLU A 29 -36.24 -6.80 24.57
CA GLU A 29 -35.42 -6.69 25.78
C GLU A 29 -35.03 -5.25 26.08
N VAL A 30 -34.50 -4.56 25.07
CA VAL A 30 -33.98 -3.22 25.26
C VAL A 30 -35.08 -2.16 25.42
N ASP A 31 -36.13 -2.21 24.58
CA ASP A 31 -37.28 -1.31 24.76
C ASP A 31 -37.86 -1.50 26.18
N GLY A 32 -37.98 -2.76 26.60
CA GLY A 32 -38.51 -3.13 27.90
C GLY A 32 -37.69 -2.52 29.03
N TYR A 33 -36.35 -2.63 28.91
CA TYR A 33 -35.46 -1.97 29.85
C TYR A 33 -35.70 -0.46 29.96
N PHE A 34 -35.77 0.24 28.83
CA PHE A 34 -35.98 1.68 28.92
C PHE A 34 -37.38 2.00 29.40
N LEU A 35 -38.36 1.20 29.01
CA LEU A 35 -39.70 1.45 29.57
C LEU A 35 -39.74 1.32 31.13
N GLN A 36 -38.89 0.48 31.71
CA GLN A 36 -38.86 0.33 33.19
C GLN A 36 -38.13 1.51 33.82
N HIS A 37 -37.02 1.91 33.20
CA HIS A 37 -36.07 2.80 33.85
C HIS A 37 -36.10 4.29 33.46
N TRP A 38 -36.38 4.58 32.21
CA TRP A 38 -36.30 5.96 31.73
C TRP A 38 -37.55 6.74 32.12
N ASN A 39 -37.39 8.05 32.33
CA ASN A 39 -38.52 8.87 32.77
C ASN A 39 -39.28 9.50 31.60
N PHE A 40 -40.37 8.87 31.18
CA PHE A 40 -41.19 9.39 30.08
C PHE A 40 -42.28 10.33 30.65
N PRO A 41 -42.62 11.40 29.94
CA PRO A 41 -43.63 12.36 30.44
C PRO A 41 -45.04 11.78 30.50
N ASN A 42 -45.38 10.89 29.58
CA ASN A 42 -46.73 10.37 29.51
C ASN A 42 -46.82 9.11 28.66
N GLU A 43 -48.01 8.55 28.59
CA GLU A 43 -48.17 7.33 27.89
C GLU A 43 -47.95 7.59 26.39
N LYS A 44 -48.36 8.76 25.93
CA LYS A 44 -48.13 9.11 24.51
C LYS A 44 -46.64 8.99 24.17
N ALA A 45 -45.76 9.48 25.05
CA ALA A 45 -44.32 9.39 24.82
C ALA A 45 -43.77 7.95 24.85
N ARG A 46 -44.28 7.13 25.77
CA ARG A 46 -43.88 5.73 25.83
C ARG A 46 -44.24 5.04 24.53
N LYS A 47 -45.39 5.39 23.98
CA LYS A 47 -45.80 4.75 22.76
C LYS A 47 -44.93 5.23 21.55
N LYS A 48 -44.63 6.51 21.51
CA LYS A 48 -43.82 7.10 20.46
C LYS A 48 -42.40 6.50 20.51
N PHE A 49 -41.90 6.29 21.71
CA PHE A 49 -40.61 5.65 21.91
C PHE A 49 -40.53 4.26 21.28
N VAL A 50 -41.51 3.41 21.59
CA VAL A 50 -41.54 2.08 21.03
C VAL A 50 -41.75 2.14 19.51
N ALA A 51 -42.56 3.09 19.05
CA ALA A 51 -42.78 3.24 17.60
C ALA A 51 -41.50 3.61 16.82
N ALA A 52 -40.60 4.33 17.45
CA ALA A 52 -39.34 4.73 16.76
C ALA A 52 -38.52 3.55 16.30
N GLY A 53 -38.48 2.50 17.12
CA GLY A 53 -37.73 1.30 16.79
C GLY A 53 -36.22 1.57 16.84
N PHE A 54 -35.75 2.10 17.97
CA PHE A 54 -34.33 2.40 18.12
C PHE A 54 -33.45 1.13 18.13
N SER A 55 -33.94 0.00 18.65
CA SER A 55 -33.18 -1.24 18.53
C SER A 55 -33.26 -1.77 17.08
N ARG A 56 -34.34 -1.45 16.37
CA ARG A 56 -34.48 -1.90 14.98
C ARG A 56 -33.43 -1.22 14.09
N VAL A 57 -33.25 0.10 14.29
CA VAL A 57 -32.18 0.80 13.54
C VAL A 57 -30.79 0.27 13.92
N THR A 58 -30.55 -0.01 15.19
CA THR A 58 -29.26 -0.53 15.60
C THR A 58 -28.97 -1.87 14.91
N CYS A 59 -30.00 -2.73 14.84
CA CYS A 59 -29.86 -4.01 14.15
C CYS A 59 -29.64 -3.86 12.64
N LEU A 60 -30.10 -2.76 12.06
CA LEU A 60 -29.90 -2.53 10.62
C LEU A 60 -28.52 -1.93 10.43
N TYR A 61 -28.06 -1.15 11.41
CA TYR A 61 -26.67 -0.61 11.38
C TYR A 61 -25.60 -1.72 11.47
N PHE A 62 -25.80 -2.70 12.37
CA PHE A 62 -24.77 -3.67 12.72
C PHE A 62 -25.29 -5.08 12.54
N PRO A 63 -25.67 -5.44 11.28
CA PRO A 63 -26.35 -6.74 11.13
C PRO A 63 -25.45 -7.95 11.36
N LYS A 64 -24.14 -7.73 11.33
CA LYS A 64 -23.20 -8.81 11.62
C LYS A 64 -22.59 -8.74 13.01
N ALA A 65 -23.19 -7.96 13.89
CA ALA A 65 -22.74 -7.99 15.29
C ALA A 65 -22.86 -9.41 15.87
N LEU A 66 -21.95 -9.74 16.79
CA LEU A 66 -22.03 -10.99 17.55
C LEU A 66 -23.34 -11.03 18.30
N ASP A 67 -23.92 -12.21 18.42
CA ASP A 67 -25.20 -12.34 19.06
C ASP A 67 -25.20 -11.89 20.54
N ASP A 68 -24.09 -12.05 21.23
CA ASP A 68 -24.05 -11.63 22.65
C ASP A 68 -23.59 -10.19 22.83
N ARG A 69 -23.41 -9.46 21.72
CA ARG A 69 -22.96 -8.06 21.83
C ARG A 69 -23.96 -7.06 21.28
N ILE A 70 -24.83 -7.49 20.38
CA ILE A 70 -25.78 -6.58 19.76
C ILE A 70 -26.64 -5.80 20.77
N HIS A 71 -26.99 -6.41 21.90
CA HIS A 71 -27.83 -5.68 22.84
C HIS A 71 -27.10 -4.46 23.42
N PHE A 72 -25.78 -4.54 23.63
CA PHE A 72 -25.08 -3.38 24.17
C PHE A 72 -25.22 -2.18 23.22
N ALA A 73 -25.10 -2.46 21.92
CA ALA A 73 -25.17 -1.38 20.93
C ALA A 73 -26.55 -0.78 20.96
N CYS A 74 -27.54 -1.65 21.05
CA CYS A 74 -28.90 -1.15 21.10
C CYS A 74 -29.15 -0.24 22.29
N ARG A 75 -28.66 -0.67 23.45
CA ARG A 75 -28.80 0.17 24.64
C ARG A 75 -28.09 1.51 24.44
N LEU A 76 -26.89 1.50 23.87
CA LEU A 76 -26.16 2.78 23.76
C LEU A 76 -26.85 3.71 22.77
N LEU A 77 -27.21 3.22 21.61
CA LEU A 77 -27.83 4.15 20.63
C LEU A 77 -29.21 4.62 21.16
N THR A 78 -29.95 3.73 21.82
CA THR A 78 -31.22 4.14 22.40
C THR A 78 -31.08 5.30 23.40
N VAL A 79 -30.16 5.20 24.35
CA VAL A 79 -30.02 6.29 25.31
C VAL A 79 -29.49 7.54 24.60
N LEU A 80 -28.63 7.38 23.59
CA LEU A 80 -28.20 8.60 22.87
C LEU A 80 -29.33 9.22 22.05
N PHE A 81 -30.20 8.44 21.43
CA PHE A 81 -31.37 9.06 20.81
C PHE A 81 -32.23 9.84 21.82
N LEU A 82 -32.50 9.23 22.97
CA LEU A 82 -33.33 9.92 23.97
C LEU A 82 -32.73 11.28 24.39
N ILE A 83 -31.43 11.30 24.63
CA ILE A 83 -30.71 12.50 25.02
C ILE A 83 -30.72 13.51 23.86
N ASP A 84 -30.49 13.01 22.64
CA ASP A 84 -30.49 13.89 21.45
C ASP A 84 -31.80 14.73 21.44
N ASP A 85 -32.90 14.08 21.77
CA ASP A 85 -34.17 14.77 21.83
C ASP A 85 -34.28 15.74 23.01
N LEU A 86 -33.79 15.34 24.20
CA LEU A 86 -33.83 16.25 25.38
C LEU A 86 -33.06 17.53 25.12
N LEU A 87 -31.95 17.43 24.37
CA LEU A 87 -31.09 18.59 24.15
C LEU A 87 -31.79 19.71 23.35
N GLU A 88 -32.83 19.35 22.59
CA GLU A 88 -33.56 20.32 21.78
C GLU A 88 -34.28 21.37 22.61
N TYR A 89 -34.54 21.04 23.87
CA TYR A 89 -35.26 21.93 24.78
C TYR A 89 -34.32 22.72 25.68
N MET A 90 -33.03 22.65 25.38
CA MET A 90 -31.96 23.26 26.19
C MET A 90 -31.18 24.28 25.41
N SER A 91 -30.60 25.25 26.11
CA SER A 91 -29.62 26.14 25.51
C SER A 91 -28.34 25.37 25.20
N PHE A 92 -27.42 25.98 24.44
CA PHE A 92 -26.12 25.34 24.21
C PHE A 92 -25.42 25.13 25.56
N GLU A 93 -25.49 26.11 26.43
CA GLU A 93 -24.85 25.99 27.73
C GLU A 93 -25.48 24.90 28.61
N GLU A 94 -26.80 24.83 28.67
CA GLU A 94 -27.46 23.82 29.48
C GLU A 94 -27.21 22.42 28.92
N GLY A 95 -27.25 22.30 27.58
CA GLY A 95 -27.02 21.01 26.96
C GLY A 95 -25.59 20.54 27.18
N SER A 96 -24.64 21.46 27.09
CA SER A 96 -23.27 21.09 27.37
C SER A 96 -23.10 20.61 28.84
N ALA A 97 -23.70 21.35 29.77
CA ALA A 97 -23.64 20.91 31.17
C ALA A 97 -24.23 19.51 31.37
N TYR A 98 -25.37 19.26 30.74
CA TYR A 98 -26.05 17.96 30.80
C TYR A 98 -25.14 16.85 30.26
N ASN A 99 -24.60 17.05 29.05
CA ASN A 99 -23.69 16.02 28.50
C ASN A 99 -22.41 15.87 29.33
N GLU A 100 -21.79 17.00 29.69
CA GLU A 100 -20.54 16.90 30.47
C GLU A 100 -20.68 16.11 31.76
N LYS A 101 -21.85 16.17 32.40
CA LYS A 101 -22.01 15.44 33.66
C LYS A 101 -21.93 13.94 33.40
N LEU A 102 -22.40 13.51 32.22
CA LEU A 102 -22.43 12.09 31.86
C LEU A 102 -21.07 11.50 31.46
N ILE A 103 -20.10 12.36 31.21
CA ILE A 103 -18.81 11.89 30.69
C ILE A 103 -17.96 11.14 31.75
N PRO A 104 -17.74 11.75 32.94
CA PRO A 104 -17.07 10.97 34.00
C PRO A 104 -17.85 9.71 34.42
N ILE A 105 -19.16 9.78 34.32
CA ILE A 105 -19.99 8.64 34.65
C ILE A 105 -19.80 7.54 33.61
N SER A 106 -19.74 7.93 32.32
CA SER A 106 -19.51 6.96 31.25
C SER A 106 -18.16 6.25 31.42
N ARG A 107 -17.15 7.01 31.80
CA ARG A 107 -15.81 6.44 32.04
C ARG A 107 -15.80 5.52 33.25
N GLY A 108 -16.79 5.67 34.13
CA GLY A 108 -16.84 4.87 35.35
C GLY A 108 -16.09 5.54 36.47
N ASP A 109 -15.67 6.79 36.26
CA ASP A 109 -14.91 7.50 37.30
C ASP A 109 -15.78 8.06 38.41
N VAL A 110 -17.05 8.32 38.11
CA VAL A 110 -17.93 8.96 39.07
C VAL A 110 -19.19 8.14 39.16
N LEU A 111 -19.64 7.83 40.38
CA LEU A 111 -20.85 7.04 40.54
C LEU A 111 -22.09 7.85 40.14
N PRO A 112 -23.14 7.18 39.63
CA PRO A 112 -24.35 7.88 39.21
C PRO A 112 -25.22 8.18 40.44
N ASP A 113 -26.07 9.19 40.31
CA ASP A 113 -27.15 9.41 41.25
C ASP A 113 -28.27 8.49 40.84
N ARG A 114 -28.59 7.53 41.69
CA ARG A 114 -29.52 6.50 41.25
C ARG A 114 -30.98 7.00 41.21
N SER A 115 -31.19 8.26 41.59
CA SER A 115 -32.51 8.87 41.49
C SER A 115 -32.66 9.53 40.13
N ILE A 116 -31.58 9.50 39.34
CA ILE A 116 -31.62 10.12 38.01
C ILE A 116 -31.36 9.06 36.95
N PRO A 117 -32.41 8.65 36.24
CA PRO A 117 -32.24 7.54 35.29
C PRO A 117 -31.12 7.70 34.25
N VAL A 118 -30.96 8.87 33.64
CA VAL A 118 -29.91 8.94 32.62
C VAL A 118 -28.56 8.61 33.22
N GLU A 119 -28.33 9.05 34.46
CA GLU A 119 -27.04 8.81 35.08
C GLU A 119 -26.81 7.31 35.33
N TYR A 120 -27.76 6.62 35.97
CA TYR A 120 -27.49 5.21 36.25
C TYR A 120 -27.57 4.31 35.01
N ILE A 121 -28.41 4.68 34.05
CA ILE A 121 -28.50 3.92 32.79
C ILE A 121 -27.13 3.98 32.09
N ILE A 122 -26.57 5.19 32.01
CA ILE A 122 -25.28 5.38 31.38
C ILE A 122 -24.18 4.64 32.18
N TYR A 123 -24.17 4.81 33.50
CA TYR A 123 -23.15 4.14 34.29
C TYR A 123 -23.20 2.63 34.12
N ASP A 124 -24.38 2.06 34.34
CA ASP A 124 -24.51 0.62 34.34
C ASP A 124 -24.20 0.03 32.95
N LEU A 125 -24.68 0.71 31.90
CA LEU A 125 -24.36 0.29 30.52
C LEU A 125 -22.86 0.19 30.27
N TRP A 126 -22.14 1.26 30.47
CA TRP A 126 -20.69 1.24 30.22
C TRP A 126 -19.94 0.26 31.12
N GLU A 127 -20.40 0.12 32.37
CA GLU A 127 -19.81 -0.93 33.23
C GLU A 127 -19.98 -2.31 32.60
N SER A 128 -21.17 -2.59 32.12
CA SER A 128 -21.46 -3.88 31.50
C SER A 128 -20.65 -4.10 30.19
N MET A 129 -20.42 -3.03 29.41
CA MET A 129 -19.60 -3.17 28.19
C MET A 129 -18.17 -3.47 28.52
N ARG A 130 -17.64 -2.78 29.53
CA ARG A 130 -16.26 -3.06 29.91
C ARG A 130 -16.15 -4.44 30.54
N ALA A 131 -17.22 -4.89 31.19
CA ALA A 131 -17.14 -6.24 31.78
C ALA A 131 -17.06 -7.27 30.65
N HIS A 132 -17.67 -6.95 29.52
CA HIS A 132 -17.70 -7.88 28.42
C HIS A 132 -16.41 -7.86 27.59
N ASP A 133 -15.88 -6.66 27.33
CA ASP A 133 -14.67 -6.51 26.50
C ASP A 133 -14.12 -5.13 26.75
N ARG A 134 -13.22 -5.08 27.74
CA ARG A 134 -12.73 -3.81 28.27
C ARG A 134 -12.00 -2.99 27.23
N GLU A 135 -11.10 -3.64 26.52
CA GLU A 135 -10.30 -2.97 25.53
C GLU A 135 -11.18 -2.31 24.42
N MET A 136 -12.14 -3.06 23.88
CA MET A 136 -12.96 -2.52 22.79
C MET A 136 -14.01 -1.51 23.30
N ALA A 137 -14.51 -1.69 24.53
CA ALA A 137 -15.46 -0.72 25.11
C ALA A 137 -14.78 0.59 25.33
N ASP A 138 -13.53 0.53 25.81
CA ASP A 138 -12.79 1.75 26.06
C ASP A 138 -12.57 2.57 24.79
N GLU A 139 -12.39 1.87 23.68
CA GLU A 139 -12.19 2.55 22.40
C GLU A 139 -13.41 3.33 21.88
N ILE A 140 -14.57 3.13 22.47
CA ILE A 140 -15.79 3.85 22.03
C ILE A 140 -15.92 5.16 22.82
N LEU A 141 -15.19 5.29 23.94
CA LEU A 141 -15.43 6.46 24.83
C LEU A 141 -15.12 7.80 24.21
N GLU A 142 -13.89 8.00 23.74
CA GLU A 142 -13.57 9.29 23.12
C GLU A 142 -14.44 9.61 21.88
N PRO A 143 -14.73 8.60 21.02
CA PRO A 143 -15.70 8.89 19.91
C PRO A 143 -17.07 9.36 20.42
N VAL A 144 -17.56 8.79 21.51
CA VAL A 144 -18.83 9.24 22.05
C VAL A 144 -18.72 10.66 22.57
N PHE A 145 -17.61 10.96 23.24
CA PHE A 145 -17.45 12.29 23.83
C PHE A 145 -17.33 13.40 22.78
N LEU A 146 -16.66 13.07 21.68
CA LEU A 146 -16.48 14.04 20.59
C LEU A 146 -17.83 14.35 19.97
N PHE A 147 -18.65 13.32 19.84
CA PHE A 147 -20.03 13.49 19.36
C PHE A 147 -20.82 14.35 20.36
N MET A 148 -20.71 14.05 21.66
CA MET A 148 -21.53 14.79 22.64
C MET A 148 -21.16 16.26 22.61
N ARG A 149 -19.87 16.52 22.50
CA ARG A 149 -19.42 17.89 22.50
C ARG A 149 -19.80 18.64 21.21
N ALA A 150 -19.90 17.91 20.10
CA ALA A 150 -20.33 18.57 18.87
C ALA A 150 -21.78 18.99 18.96
N GLN A 151 -22.60 18.24 19.71
CA GLN A 151 -24.04 18.48 19.73
C GLN A 151 -24.44 19.90 20.20
N THR A 152 -23.60 20.49 21.05
CA THR A 152 -23.94 21.79 21.67
C THR A 152 -22.89 22.83 21.29
N ASP A 153 -22.08 22.48 20.30
CA ASP A 153 -21.07 23.39 19.74
C ASP A 153 -21.71 24.70 19.22
N ARG A 154 -21.27 25.83 19.74
CA ARG A 154 -21.72 27.14 19.30
C ARG A 154 -21.68 27.40 17.78
N THR A 155 -20.86 26.64 17.05
CA THR A 155 -20.76 26.82 15.61
C THR A 155 -22.07 26.52 14.91
N ARG A 156 -22.98 25.83 15.59
CA ARG A 156 -24.33 25.59 15.06
C ARG A 156 -25.12 26.87 14.88
N ALA A 157 -24.78 27.90 15.64
CA ALA A 157 -25.45 29.20 15.53
C ALA A 157 -24.76 30.13 14.54
N ARG A 158 -23.84 29.59 13.72
CA ARG A 158 -23.18 30.40 12.70
C ARG A 158 -23.49 29.83 11.31
N PRO A 159 -23.59 30.69 10.29
CA PRO A 159 -23.91 30.21 8.94
C PRO A 159 -22.83 29.21 8.49
N MET A 160 -23.25 28.13 7.85
CA MET A 160 -22.29 27.17 7.28
C MET A 160 -22.60 26.93 5.81
N GLY A 161 -21.56 26.70 5.00
CA GLY A 161 -21.79 26.23 3.64
C GLY A 161 -21.85 24.71 3.68
N LEU A 162 -22.11 24.12 2.54
CA LEU A 162 -22.28 22.68 2.50
C LEU A 162 -21.02 21.91 2.96
N GLY A 163 -19.83 22.28 2.47
CA GLY A 163 -18.63 21.57 2.83
C GLY A 163 -18.30 21.70 4.30
N GLY A 164 -18.42 22.93 4.81
CA GLY A 164 -18.19 23.20 6.22
C GLY A 164 -19.16 22.43 7.12
N TYR A 165 -20.42 22.36 6.69
CA TYR A 165 -21.42 21.66 7.46
C TYR A 165 -21.05 20.17 7.52
N LEU A 166 -20.67 19.58 6.39
CA LEU A 166 -20.44 18.15 6.37
C LEU A 166 -19.26 17.79 7.22
N GLU A 167 -18.26 18.68 7.28
CA GLU A 167 -17.12 18.45 8.14
C GLU A 167 -17.50 18.47 9.62
N TYR A 168 -18.29 19.46 10.01
CA TYR A 168 -18.84 19.51 11.39
C TYR A 168 -19.75 18.31 11.67
N ARG A 169 -20.62 18.02 10.72
CA ARG A 169 -21.66 17.00 10.94
C ARG A 169 -21.09 15.59 11.13
N GLU A 170 -19.87 15.33 10.63
CA GLU A 170 -19.24 14.03 10.92
C GLU A 170 -19.14 13.79 12.44
N ARG A 171 -18.90 14.85 13.21
CA ARG A 171 -18.93 14.70 14.67
C ARG A 171 -20.35 14.66 15.29
N ASP A 172 -21.22 15.56 14.85
CA ASP A 172 -22.59 15.64 15.35
C ASP A 172 -23.44 14.41 14.97
N VAL A 173 -23.11 13.77 13.87
CA VAL A 173 -23.81 12.57 13.51
C VAL A 173 -23.23 11.31 14.21
N GLY A 174 -22.06 11.42 14.85
CA GLY A 174 -21.53 10.30 15.62
C GLY A 174 -20.85 9.28 14.71
N LYS A 175 -20.34 9.69 13.56
CA LYS A 175 -19.64 8.74 12.66
C LYS A 175 -18.60 7.85 13.39
N GLU A 176 -17.74 8.47 14.17
CA GLU A 176 -16.65 7.76 14.80
C GLU A 176 -17.19 6.84 15.91
N LEU A 177 -18.16 7.32 16.68
CA LEU A 177 -18.75 6.43 17.71
C LEU A 177 -19.43 5.21 17.05
N LEU A 178 -20.10 5.43 15.91
CA LEU A 178 -20.74 4.32 15.20
C LEU A 178 -19.68 3.34 14.69
N ALA A 179 -18.51 3.84 14.29
CA ALA A 179 -17.43 2.97 13.79
C ALA A 179 -16.88 2.10 14.93
N ALA A 180 -16.59 2.76 16.04
CA ALA A 180 -16.04 2.04 17.22
C ALA A 180 -17.04 1.06 17.80
N LEU A 181 -18.30 1.44 17.78
CA LEU A 181 -19.38 0.59 18.28
C LEU A 181 -19.58 -0.63 17.36
N MET A 182 -19.51 -0.38 16.05
CA MET A 182 -19.59 -1.49 15.09
C MET A 182 -18.47 -2.47 15.36
N ARG A 183 -17.25 -1.96 15.49
CA ARG A 183 -16.11 -2.85 15.77
C ARG A 183 -16.27 -3.63 17.08
N PHE A 184 -16.69 -2.94 18.15
CA PHE A 184 -16.97 -3.60 19.44
C PHE A 184 -18.04 -4.68 19.26
N SER A 185 -19.10 -4.36 18.54
CA SER A 185 -20.19 -5.30 18.45
C SER A 185 -19.84 -6.53 17.61
N MET A 186 -18.90 -6.38 16.69
CA MET A 186 -18.46 -7.52 15.86
C MET A 186 -17.21 -8.21 16.43
N GLY A 187 -16.61 -7.62 17.47
CA GLY A 187 -15.36 -8.08 18.00
C GLY A 187 -14.25 -7.92 16.96
N LEU A 188 -14.41 -6.94 16.07
CA LEU A 188 -13.51 -6.72 14.94
C LEU A 188 -12.38 -5.78 15.33
N LYS A 189 -11.17 -6.31 15.54
CA LYS A 189 -10.04 -5.50 15.98
C LYS A 189 -9.22 -5.10 14.76
N LEU A 190 -8.87 -3.81 14.67
CA LEU A 190 -8.02 -3.32 13.60
C LEU A 190 -6.82 -2.59 14.19
N SER A 191 -5.70 -2.68 13.49
CA SER A 191 -4.47 -2.02 13.91
C SER A 191 -4.55 -0.52 13.61
N PRO A 192 -3.68 0.28 14.22
CA PRO A 192 -3.63 1.71 13.88
C PRO A 192 -3.36 1.96 12.40
N SER A 193 -2.51 1.14 11.80
CA SER A 193 -2.21 1.21 10.38
C SER A 193 -3.46 0.93 9.54
N GLU A 194 -4.22 -0.10 9.92
CA GLU A 194 -5.46 -0.42 9.23
C GLU A 194 -6.48 0.71 9.33
N LEU A 195 -6.65 1.26 10.52
CA LEU A 195 -7.59 2.36 10.75
C LEU A 195 -7.20 3.56 9.95
N GLN A 196 -5.91 3.82 9.88
CA GLN A 196 -5.48 5.03 9.20
C GLN A 196 -5.76 4.95 7.69
N ARG A 197 -5.63 3.75 7.13
CA ARG A 197 -5.80 3.46 5.72
C ARG A 197 -7.19 3.74 5.18
N VAL A 198 -8.19 3.65 6.06
CA VAL A 198 -9.57 3.81 5.59
C VAL A 198 -10.21 5.14 5.95
N ARG A 199 -9.40 6.14 6.27
CA ARG A 199 -9.95 7.43 6.66
C ARG A 199 -10.74 8.08 5.50
N GLU A 200 -10.30 7.95 4.25
CA GLU A 200 -11.13 8.51 3.16
C GLU A 200 -12.48 7.81 3.05
N ILE A 201 -12.47 6.50 3.21
CA ILE A 201 -13.72 5.73 3.15
C ILE A 201 -14.62 6.21 4.32
N ASP A 202 -14.01 6.35 5.50
CA ASP A 202 -14.82 6.84 6.64
C ASP A 202 -15.45 8.20 6.34
N ALA A 203 -14.68 9.13 5.77
CA ALA A 203 -15.21 10.49 5.61
C ALA A 203 -16.35 10.49 4.61
N ASN A 204 -16.19 9.70 3.55
CA ASN A 204 -17.22 9.56 2.54
C ASN A 204 -18.52 8.96 3.09
N CYS A 205 -18.35 7.87 3.83
CA CYS A 205 -19.50 7.23 4.47
C CYS A 205 -20.25 8.24 5.42
N SER A 206 -19.49 9.05 6.16
CA SER A 206 -20.09 10.03 7.09
C SER A 206 -21.04 10.96 6.36
N LYS A 207 -20.68 11.34 5.13
CA LYS A 207 -21.53 12.27 4.37
C LYS A 207 -22.86 11.66 4.02
N HIS A 208 -22.81 10.40 3.60
CA HIS A 208 -24.02 9.66 3.22
C HIS A 208 -24.94 9.45 4.44
N LEU A 209 -24.39 9.00 5.58
CA LEU A 209 -25.19 8.87 6.83
C LEU A 209 -25.87 10.18 7.18
N SER A 210 -25.09 11.26 7.18
CA SER A 210 -25.56 12.57 7.58
C SER A 210 -26.68 13.04 6.67
N VAL A 211 -26.46 12.98 5.35
CA VAL A 211 -27.43 13.55 4.40
C VAL A 211 -28.72 12.70 4.29
N VAL A 212 -28.56 11.39 4.35
CA VAL A 212 -29.75 10.52 4.36
C VAL A 212 -30.55 10.85 5.62
N ASN A 213 -29.87 11.00 6.75
CA ASN A 213 -30.64 11.43 7.93
C ASN A 213 -31.28 12.82 7.74
N ASP A 214 -30.51 13.78 7.20
CA ASP A 214 -31.01 15.13 7.03
C ASP A 214 -32.27 15.10 6.15
N ILE A 215 -32.21 14.30 5.11
CA ILE A 215 -33.36 14.21 4.18
C ILE A 215 -34.64 13.74 4.91
N TYR A 216 -34.55 12.62 5.61
CA TYR A 216 -35.75 12.04 6.24
C TYR A 216 -36.18 12.77 7.50
N SER A 217 -35.22 13.38 8.20
CA SER A 217 -35.54 14.00 9.49
C SER A 217 -35.92 15.48 9.36
N TYR A 218 -35.92 16.02 8.12
CA TYR A 218 -36.10 17.45 7.95
C TYR A 218 -37.46 17.98 8.54
N GLU A 219 -38.56 17.30 8.25
CA GLU A 219 -39.87 17.80 8.71
C GLU A 219 -39.93 17.87 10.24
N LYS A 220 -39.40 16.83 10.87
CA LYS A 220 -39.31 16.76 12.35
C LYS A 220 -38.49 17.90 12.89
N GLU A 221 -37.36 18.15 12.22
CA GLU A 221 -36.44 19.18 12.66
C GLU A 221 -36.92 20.60 12.39
N LEU A 222 -37.65 20.77 11.32
CA LEU A 222 -38.22 22.08 11.05
C LEU A 222 -39.24 22.40 12.14
N TYR A 223 -40.07 21.43 12.47
CA TYR A 223 -41.09 21.65 13.52
C TYR A 223 -40.39 21.99 14.84
N THR A 224 -39.37 21.20 15.18
CA THR A 224 -38.59 21.49 16.36
C THR A 224 -37.99 22.91 16.33
N SER A 225 -37.53 23.39 15.18
CA SER A 225 -36.89 24.70 15.16
C SER A 225 -37.90 25.81 15.48
N LYS A 226 -39.17 25.54 15.17
CA LYS A 226 -40.24 26.51 15.41
C LYS A 226 -40.86 26.41 16.81
N THR A 227 -40.56 25.36 17.57
CA THR A 227 -41.27 25.15 18.84
C THR A 227 -40.39 24.89 20.06
N ALA A 228 -39.22 24.30 19.86
CA ALA A 228 -38.34 23.94 21.00
C ALA A 228 -37.43 25.12 21.34
N HIS A 229 -36.26 24.88 21.94
CA HIS A 229 -35.40 25.99 22.38
C HIS A 229 -34.80 26.72 21.18
N SER A 230 -34.56 28.02 21.32
CA SER A 230 -34.00 28.79 20.20
C SER A 230 -32.57 28.36 19.83
N GLU A 231 -31.85 27.77 20.77
CA GLU A 231 -30.51 27.27 20.46
C GLU A 231 -30.55 25.78 20.26
N GLY A 232 -31.04 25.05 21.27
CA GLY A 232 -31.20 23.60 21.15
C GLY A 232 -31.97 23.12 19.93
N GLY A 233 -33.00 23.86 19.50
CA GLY A 233 -33.83 23.47 18.38
C GLY A 233 -33.41 23.98 17.01
N ILE A 234 -32.27 24.65 16.96
CA ILE A 234 -31.86 25.39 15.77
C ILE A 234 -31.77 24.45 14.55
N LEU A 235 -32.26 24.93 13.42
CA LEU A 235 -32.29 24.14 12.21
C LEU A 235 -30.87 24.14 11.62
N CYS A 236 -30.20 23.00 11.66
CA CYS A 236 -28.83 22.89 11.17
C CYS A 236 -28.79 21.61 10.32
N THR A 237 -28.93 21.74 9.01
CA THR A 237 -29.09 20.56 8.16
C THR A 237 -28.76 20.88 6.71
N SER A 238 -28.21 19.89 6.03
CA SER A 238 -27.89 20.01 4.61
C SER A 238 -29.10 20.40 3.74
N VAL A 239 -30.29 20.01 4.19
CA VAL A 239 -31.49 20.29 3.42
C VAL A 239 -31.72 21.79 3.40
N GLN A 240 -31.63 22.43 4.56
CA GLN A 240 -31.79 23.88 4.61
C GLN A 240 -30.66 24.65 3.92
N ILE A 241 -29.44 24.13 4.09
CA ILE A 241 -28.28 24.76 3.47
C ILE A 241 -28.40 24.75 1.95
N LEU A 242 -28.67 23.59 1.36
CA LEU A 242 -28.79 23.53 -0.11
C LEU A 242 -30.01 24.33 -0.60
N ALA A 243 -31.12 24.22 0.11
CA ALA A 243 -32.31 25.02 -0.29
C ALA A 243 -31.96 26.53 -0.34
N GLN A 244 -31.20 27.01 0.63
CA GLN A 244 -30.83 28.42 0.71
C GLN A 244 -29.82 28.77 -0.36
N GLU A 245 -28.82 27.90 -0.57
CA GLU A 245 -27.75 28.23 -1.54
C GLU A 245 -28.27 28.18 -2.96
N ALA A 246 -29.18 27.25 -3.24
CA ALA A 246 -29.64 27.05 -4.62
C ALA A 246 -30.95 27.80 -4.90
N ASP A 247 -31.52 28.38 -3.83
CA ASP A 247 -32.83 29.02 -3.86
C ASP A 247 -33.94 28.10 -4.40
N VAL A 248 -34.07 26.93 -3.77
CA VAL A 248 -35.14 25.97 -4.08
C VAL A 248 -35.87 25.61 -2.78
N THR A 249 -36.98 24.91 -2.92
CA THR A 249 -37.69 24.42 -1.74
C THR A 249 -36.91 23.30 -1.03
N ALA A 250 -37.27 23.06 0.22
CA ALA A 250 -36.69 21.92 0.93
C ALA A 250 -36.94 20.59 0.20
N GLU A 251 -38.11 20.43 -0.42
CA GLU A 251 -38.42 19.19 -1.08
C GLU A 251 -37.50 19.01 -2.31
N ALA A 252 -37.25 20.11 -3.02
CA ALA A 252 -36.34 20.07 -4.16
C ALA A 252 -34.90 19.74 -3.70
N ALA A 253 -34.49 20.38 -2.59
CA ALA A 253 -33.16 20.15 -2.05
C ALA A 253 -33.04 18.67 -1.64
N LYS A 254 -34.10 18.05 -1.12
CA LYS A 254 -33.99 16.60 -0.79
C LYS A 254 -33.73 15.74 -2.03
N ARG A 255 -34.44 16.05 -3.13
CA ARG A 255 -34.28 15.24 -4.34
C ARG A 255 -32.84 15.36 -4.85
N VAL A 256 -32.29 16.57 -4.81
CA VAL A 256 -30.92 16.78 -5.31
C VAL A 256 -29.93 16.09 -4.38
N LEU A 257 -30.14 16.22 -3.07
CA LEU A 257 -29.24 15.61 -2.10
C LEU A 257 -29.26 14.09 -2.16
N PHE A 258 -30.40 13.52 -2.53
CA PHE A 258 -30.49 12.06 -2.59
C PHE A 258 -29.63 11.60 -3.77
N VAL A 259 -29.65 12.35 -4.89
CA VAL A 259 -28.77 12.00 -6.00
C VAL A 259 -27.30 12.06 -5.58
N MET A 260 -26.93 13.09 -4.81
CA MET A 260 -25.56 13.14 -4.30
CA MET A 260 -25.57 13.18 -4.26
C MET A 260 -25.24 11.95 -3.38
N CYS A 261 -26.20 11.52 -2.56
CA CYS A 261 -25.96 10.31 -1.76
C CYS A 261 -25.57 9.11 -2.65
N ARG A 262 -26.23 8.96 -3.79
CA ARG A 262 -25.86 7.85 -4.64
C ARG A 262 -24.45 8.03 -5.23
N GLU A 263 -24.01 9.27 -5.41
CA GLU A 263 -22.61 9.50 -5.86
C GLU A 263 -21.64 9.10 -4.74
N TRP A 264 -22.04 9.31 -3.47
CA TRP A 264 -21.18 8.84 -2.39
C TRP A 264 -21.18 7.30 -2.36
N GLU A 265 -22.29 6.64 -2.71
CA GLU A 265 -22.28 5.18 -2.76
C GLU A 265 -21.29 4.67 -3.82
N LEU A 266 -21.34 5.29 -4.99
CA LEU A 266 -20.38 4.91 -6.05
C LEU A 266 -18.95 5.16 -5.61
N ARG A 267 -18.73 6.28 -4.93
CA ARG A 267 -17.40 6.59 -4.46
C ARG A 267 -16.92 5.59 -3.38
N HIS A 268 -17.82 5.20 -2.46
CA HIS A 268 -17.48 4.10 -1.52
C HIS A 268 -16.98 2.86 -2.30
N GLN A 269 -17.70 2.46 -3.33
CA GLN A 269 -17.31 1.28 -4.08
C GLN A 269 -15.96 1.45 -4.75
N LEU A 270 -15.75 2.63 -5.34
CA LEU A 270 -14.47 2.92 -5.97
C LEU A 270 -13.30 2.92 -4.99
N LEU A 271 -13.53 3.49 -3.80
CA LEU A 271 -12.44 3.54 -2.81
C LEU A 271 -12.12 2.16 -2.27
N VAL A 272 -13.16 1.35 -2.09
CA VAL A 272 -12.99 -0.04 -1.66
C VAL A 272 -12.19 -0.86 -2.70
N ALA A 273 -12.56 -0.67 -3.96
CA ALA A 273 -11.86 -1.37 -5.04
C ALA A 273 -10.38 -0.95 -5.08
N ARG A 274 -10.14 0.34 -4.87
CA ARG A 274 -8.80 0.91 -4.83
C ARG A 274 -7.95 0.40 -3.66
N LEU A 275 -8.56 0.26 -2.49
CA LEU A 275 -7.86 -0.30 -1.34
C LEU A 275 -7.40 -1.70 -1.67
N SER A 276 -8.26 -2.46 -2.31
CA SER A 276 -7.92 -3.84 -2.64
C SER A 276 -6.87 -3.91 -3.78
N ALA A 277 -7.02 -3.06 -4.79
CA ALA A 277 -6.06 -3.03 -5.91
C ALA A 277 -4.66 -2.52 -5.51
N GLU A 278 -4.58 -1.70 -4.47
CA GLU A 278 -3.30 -1.27 -3.92
C GLU A 278 -2.69 -2.32 -2.98
N GLY A 279 -3.29 -3.51 -2.90
CA GLY A 279 -2.82 -4.56 -1.99
C GLY A 279 -2.91 -4.23 -0.49
N LEU A 280 -3.82 -3.32 -0.13
CA LEU A 280 -3.91 -2.85 1.24
C LEU A 280 -5.14 -3.39 1.99
N GLU A 281 -5.94 -4.21 1.31
CA GLU A 281 -7.13 -4.79 1.93
C GLU A 281 -6.85 -6.05 2.73
N THR A 282 -6.91 -5.92 4.05
CA THR A 282 -6.70 -7.03 4.96
C THR A 282 -8.05 -7.68 5.24
N PRO A 283 -8.05 -8.90 5.83
CA PRO A 283 -9.37 -9.45 6.14
C PRO A 283 -10.23 -8.57 7.11
N GLY A 284 -9.59 -7.99 8.10
CA GLY A 284 -10.28 -7.11 9.04
C GLY A 284 -10.84 -5.89 8.29
N LEU A 285 -10.06 -5.32 7.40
CA LEU A 285 -10.55 -4.16 6.65
C LEU A 285 -11.69 -4.48 5.70
N ALA A 286 -11.65 -5.65 5.06
CA ALA A 286 -12.73 -6.07 4.21
C ALA A 286 -14.03 -6.17 5.03
N ALA A 287 -13.94 -6.76 6.22
CA ALA A 287 -15.10 -6.83 7.11
C ALA A 287 -15.57 -5.42 7.51
N TYR A 288 -14.61 -4.56 7.76
CA TYR A 288 -14.92 -3.19 8.20
C TYR A 288 -15.66 -2.37 7.12
N VAL A 289 -15.14 -2.33 5.89
CA VAL A 289 -15.75 -1.48 4.88
C VAL A 289 -17.10 -2.05 4.43
N GLU A 290 -17.28 -3.35 4.51
CA GLU A 290 -18.57 -3.94 4.23
C GLU A 290 -19.51 -3.52 5.37
N GLY A 291 -19.00 -3.51 6.60
CA GLY A 291 -19.76 -3.04 7.75
C GLY A 291 -20.29 -1.62 7.58
N LEU A 292 -19.45 -0.74 7.03
CA LEU A 292 -19.90 0.65 6.75
C LEU A 292 -21.00 0.71 5.70
N GLU A 293 -20.90 -0.17 4.70
CA GLU A 293 -21.97 -0.27 3.71
C GLU A 293 -23.29 -0.58 4.40
N TYR A 294 -23.27 -1.48 5.38
CA TYR A 294 -24.54 -1.79 6.09
C TYR A 294 -25.06 -0.60 6.88
N GLN A 295 -24.15 0.19 7.47
CA GLN A 295 -24.55 1.45 8.10
C GLN A 295 -25.29 2.35 7.13
N MET A 296 -24.76 2.53 5.93
CA MET A 296 -25.38 3.45 5.00
C MET A 296 -26.75 2.91 4.55
N SER A 297 -26.80 1.64 4.16
CA SER A 297 -28.07 1.14 3.60
C SER A 297 -29.11 0.95 4.73
N GLY A 298 -28.63 0.57 5.92
CA GLY A 298 -29.50 0.32 7.09
C GLY A 298 -30.11 1.61 7.56
N ASN A 299 -29.27 2.65 7.61
CA ASN A 299 -29.75 3.96 8.01
C ASN A 299 -30.87 4.47 7.06
N GLU A 300 -30.68 4.26 5.77
CA GLU A 300 -31.65 4.72 4.80
C GLU A 300 -32.95 3.90 4.99
N LEU A 301 -32.83 2.57 5.08
CA LEU A 301 -34.05 1.73 5.15
C LEU A 301 -34.88 2.08 6.40
N TRP A 302 -34.21 2.18 7.54
CA TRP A 302 -34.92 2.60 8.76
C TRP A 302 -35.49 4.00 8.66
N SER A 303 -34.70 4.94 8.14
CA SER A 303 -35.16 6.32 8.03
C SER A 303 -36.44 6.42 7.18
N GLN A 304 -36.57 5.53 6.19
CA GLN A 304 -37.73 5.48 5.27
C GLN A 304 -38.99 4.89 5.91
N THR A 305 -38.79 4.16 7.00
CA THR A 305 -39.88 3.39 7.57
C THR A 305 -40.28 3.88 8.98
N THR A 306 -39.34 4.51 9.70
CA THR A 306 -39.61 4.86 11.10
C THR A 306 -40.62 5.99 11.33
N LEU A 307 -41.54 5.74 12.27
CA LEU A 307 -42.47 6.77 12.69
C LEU A 307 -41.83 8.03 13.31
N ARG A 308 -40.56 7.95 13.72
CA ARG A 308 -39.88 9.10 14.26
C ARG A 308 -39.85 10.21 13.22
N TYR A 309 -39.73 9.82 11.95
CA TYR A 309 -39.62 10.83 10.89
C TYR A 309 -40.94 11.03 10.12
N SER A 310 -41.81 10.03 10.11
CA SER A 310 -43.05 10.13 9.30
C SER A 310 -44.18 10.82 10.05
N VAL A 311 -44.09 10.86 11.37
CA VAL A 311 -45.13 11.53 12.13
C VAL A 311 -44.68 12.90 12.66
N LEU B 8 -23.05 11.36 -20.65
CA LEU B 8 -23.87 12.34 -19.92
C LEU B 8 -25.35 12.41 -20.37
N GLU B 9 -26.23 11.80 -19.59
CA GLU B 9 -27.63 11.72 -19.91
C GLU B 9 -28.46 12.82 -19.22
N PRO B 10 -28.96 13.80 -19.97
CA PRO B 10 -29.82 14.83 -19.35
C PRO B 10 -31.06 14.21 -18.67
N PRO B 11 -31.43 14.68 -17.46
CA PRO B 11 -32.71 14.14 -16.96
C PRO B 11 -33.87 14.72 -17.75
N PRO B 12 -35.08 14.12 -17.65
CA PRO B 12 -36.20 14.63 -18.45
C PRO B 12 -36.50 16.10 -18.20
N SER B 13 -36.96 16.78 -19.23
CA SER B 13 -37.35 18.18 -19.13
C SER B 13 -38.61 18.38 -19.96
N THR B 14 -39.49 19.27 -19.51
CA THR B 14 -40.69 19.59 -20.30
C THR B 14 -40.48 20.83 -21.19
N PHE B 15 -39.33 21.51 -21.07
CA PHE B 15 -39.04 22.68 -21.92
C PHE B 15 -38.64 22.23 -23.31
N GLN B 16 -39.32 22.70 -24.35
CA GLN B 16 -38.98 22.32 -25.71
C GLN B 16 -38.35 23.53 -26.43
N PRO B 17 -37.15 23.36 -26.97
CA PRO B 17 -36.46 24.47 -27.61
C PRO B 17 -37.08 24.91 -28.95
N LEU B 18 -36.86 26.17 -29.32
CA LEU B 18 -37.34 26.71 -30.60
C LEU B 18 -36.18 27.49 -31.19
N CYS B 19 -36.02 27.43 -32.50
CA CYS B 19 -34.96 28.20 -33.18
C CYS B 19 -35.52 29.26 -34.12
N HIS B 20 -34.91 30.46 -34.13
CA HIS B 20 -35.37 31.51 -35.07
C HIS B 20 -35.42 30.95 -36.50
N PRO B 21 -36.47 31.28 -37.25
CA PRO B 21 -36.66 30.77 -38.62
C PRO B 21 -35.51 31.18 -39.57
N LEU B 22 -34.90 32.32 -39.32
CA LEU B 22 -33.91 32.85 -40.28
C LEU B 22 -32.47 32.50 -39.87
N VAL B 23 -32.31 31.45 -39.05
CA VAL B 23 -31.01 31.14 -38.43
C VAL B 23 -29.91 30.93 -39.51
N GLU B 24 -30.20 30.20 -40.60
CA GLU B 24 -29.14 29.98 -41.58
C GLU B 24 -28.70 31.26 -42.30
N GLU B 25 -29.65 32.06 -42.77
CA GLU B 25 -29.22 33.25 -43.48
C GLU B 25 -28.54 34.28 -42.59
N VAL B 26 -29.04 34.43 -41.37
CA VAL B 26 -28.43 35.37 -40.45
C VAL B 26 -27.05 34.89 -40.01
N SER B 27 -26.92 33.58 -39.77
CA SER B 27 -25.61 32.99 -39.44
C SER B 27 -24.61 33.30 -40.55
N LYS B 28 -25.00 33.08 -41.79
CA LYS B 28 -24.06 33.39 -42.87
C LYS B 28 -23.66 34.86 -42.89
N GLU B 29 -24.63 35.76 -42.70
CA GLU B 29 -24.38 37.20 -42.72
C GLU B 29 -23.43 37.56 -41.57
N VAL B 30 -23.72 37.04 -40.38
CA VAL B 30 -22.96 37.49 -39.22
C VAL B 30 -21.58 36.81 -39.16
N ASP B 31 -21.54 35.49 -39.32
CA ASP B 31 -20.21 34.82 -39.44
C ASP B 31 -19.36 35.52 -40.52
N GLY B 32 -20.02 35.88 -41.62
CA GLY B 32 -19.32 36.49 -42.75
C GLY B 32 -18.69 37.82 -42.41
N TYR B 33 -19.41 38.64 -41.64
CA TYR B 33 -18.92 39.94 -41.18
C TYR B 33 -17.67 39.79 -40.30
N PHE B 34 -17.74 38.88 -39.33
CA PHE B 34 -16.59 38.66 -38.44
C PHE B 34 -15.42 38.03 -39.18
N LEU B 35 -15.67 37.14 -40.13
CA LEU B 35 -14.57 36.55 -40.90
C LEU B 35 -13.91 37.65 -41.74
N GLN B 36 -14.70 38.64 -42.11
CA GLN B 36 -14.15 39.78 -42.84
C GLN B 36 -13.31 40.73 -41.97
N HIS B 37 -13.76 41.02 -40.75
CA HIS B 37 -13.24 42.15 -39.96
C HIS B 37 -12.41 41.72 -38.78
N TRP B 38 -12.79 40.64 -38.12
CA TRP B 38 -12.14 40.29 -36.85
C TRP B 38 -10.70 39.76 -37.09
N ASN B 39 -9.77 40.04 -36.18
CA ASN B 39 -8.40 39.55 -36.37
C ASN B 39 -8.26 38.10 -35.89
N PHE B 40 -8.69 37.14 -36.72
CA PHE B 40 -8.43 35.72 -36.46
C PHE B 40 -6.97 35.40 -36.69
N PRO B 41 -6.39 34.51 -35.89
CA PRO B 41 -4.94 34.30 -36.08
C PRO B 41 -4.56 33.42 -37.28
N ASN B 42 -5.45 32.53 -37.68
CA ASN B 42 -5.12 31.57 -38.71
C ASN B 42 -6.38 30.83 -39.18
N GLU B 43 -6.22 30.00 -40.21
CA GLU B 43 -7.38 29.33 -40.80
C GLU B 43 -8.04 28.33 -39.82
N LYS B 44 -7.23 27.63 -39.04
CA LYS B 44 -7.74 26.72 -38.02
C LYS B 44 -8.69 27.48 -37.08
N ALA B 45 -8.31 28.69 -36.67
CA ALA B 45 -9.19 29.47 -35.77
C ALA B 45 -10.49 29.93 -36.48
N ARG B 46 -10.37 30.31 -37.75
CA ARG B 46 -11.56 30.67 -38.56
C ARG B 46 -12.53 29.50 -38.67
N LYS B 47 -12.00 28.32 -38.87
CA LYS B 47 -12.85 27.13 -38.93
C LYS B 47 -13.55 26.84 -37.60
N LYS B 48 -12.80 26.95 -36.50
CA LYS B 48 -13.31 26.70 -35.17
C LYS B 48 -14.41 27.70 -34.82
N PHE B 49 -14.25 28.94 -35.30
CA PHE B 49 -15.20 29.99 -35.09
C PHE B 49 -16.54 29.66 -35.78
N VAL B 50 -16.48 29.30 -37.06
CA VAL B 50 -17.70 28.88 -37.74
C VAL B 50 -18.31 27.62 -37.08
N ALA B 51 -17.45 26.70 -36.65
CA ALA B 51 -17.87 25.43 -36.02
C ALA B 51 -18.68 25.62 -34.74
N ALA B 52 -18.43 26.70 -34.01
CA ALA B 52 -19.08 26.96 -32.74
C ALA B 52 -20.58 27.20 -32.93
N GLY B 53 -20.94 27.84 -34.04
CA GLY B 53 -22.31 28.26 -34.26
C GLY B 53 -22.83 29.37 -33.33
N PHE B 54 -22.12 30.48 -33.24
CA PHE B 54 -22.56 31.57 -32.34
C PHE B 54 -23.87 32.23 -32.76
N SER B 55 -24.15 32.34 -34.06
CA SER B 55 -25.49 32.84 -34.44
C SER B 55 -26.56 31.79 -34.21
N ARG B 56 -26.17 30.52 -34.29
CA ARG B 56 -27.13 29.47 -34.01
C ARG B 56 -27.57 29.51 -32.54
N VAL B 57 -26.62 29.63 -31.63
CA VAL B 57 -27.08 29.75 -30.22
C VAL B 57 -27.92 31.02 -29.97
N THR B 58 -27.55 32.12 -30.60
CA THR B 58 -28.37 33.34 -30.43
C THR B 58 -29.81 33.14 -30.96
N CYS B 59 -29.93 32.42 -32.09
CA CYS B 59 -31.27 32.14 -32.64
C CYS B 59 -32.08 31.13 -31.81
N LEU B 60 -31.38 30.27 -31.08
CA LEU B 60 -32.03 29.36 -30.08
C LEU B 60 -32.38 30.14 -28.80
N TYR B 61 -31.59 31.16 -28.46
CA TYR B 61 -31.90 32.01 -27.28
C TYR B 61 -33.15 32.89 -27.48
N PHE B 62 -33.27 33.43 -28.71
CA PHE B 62 -34.28 34.43 -29.02
C PHE B 62 -35.06 34.06 -30.27
N PRO B 63 -35.75 32.92 -30.23
CA PRO B 63 -36.41 32.40 -31.45
C PRO B 63 -37.60 33.25 -31.90
N LYS B 64 -38.07 34.15 -31.05
CA LYS B 64 -39.16 35.04 -31.41
C LYS B 64 -38.70 36.46 -31.65
N ALA B 65 -37.40 36.63 -31.90
CA ALA B 65 -36.91 37.97 -32.25
C ALA B 65 -37.55 38.45 -33.54
N LEU B 66 -37.71 39.76 -33.67
CA LEU B 66 -38.17 40.33 -34.93
C LEU B 66 -37.18 40.00 -36.03
N ASP B 67 -37.70 39.70 -37.22
CA ASP B 67 -36.82 39.33 -38.33
C ASP B 67 -35.70 40.34 -38.66
N ASP B 68 -35.97 41.61 -38.50
CA ASP B 68 -34.97 42.66 -38.81
C ASP B 68 -34.15 43.08 -37.59
N ARG B 69 -34.31 42.36 -36.48
CA ARG B 69 -33.45 42.67 -35.32
C ARG B 69 -32.58 41.51 -34.88
N ILE B 70 -32.88 40.29 -35.34
CA ILE B 70 -32.15 39.10 -34.83
C ILE B 70 -30.64 39.24 -35.12
N HIS B 71 -30.30 39.85 -36.24
CA HIS B 71 -28.88 39.98 -36.61
C HIS B 71 -28.09 40.82 -35.59
N PHE B 72 -28.69 41.86 -35.01
CA PHE B 72 -27.96 42.67 -34.03
C PHE B 72 -27.58 41.83 -32.82
N ALA B 73 -28.53 41.00 -32.39
CA ALA B 73 -28.28 40.12 -31.25
C ALA B 73 -27.17 39.09 -31.58
N CYS B 74 -27.19 38.50 -32.78
CA CYS B 74 -26.10 37.60 -33.22
C CYS B 74 -24.76 38.30 -33.20
N ARG B 75 -24.71 39.55 -33.65
CA ARG B 75 -23.43 40.27 -33.68
C ARG B 75 -22.93 40.57 -32.27
N LEU B 76 -23.84 40.99 -31.38
CA LEU B 76 -23.40 41.28 -30.01
C LEU B 76 -22.91 40.04 -29.31
N LEU B 77 -23.70 38.95 -29.36
CA LEU B 77 -23.22 37.78 -28.66
C LEU B 77 -21.94 37.23 -29.30
N THR B 78 -21.86 37.28 -30.63
CA THR B 78 -20.65 36.80 -31.32
C THR B 78 -19.41 37.53 -30.84
N VAL B 79 -19.48 38.86 -30.78
CA VAL B 79 -18.29 39.59 -30.32
C VAL B 79 -18.00 39.32 -28.84
N LEU B 80 -19.04 39.18 -28.02
CA LEU B 80 -18.76 38.82 -26.61
C LEU B 80 -18.18 37.43 -26.43
N PHE B 81 -18.64 36.44 -27.21
CA PHE B 81 -17.96 35.14 -27.22
C PHE B 81 -16.46 35.26 -27.60
N LEU B 82 -16.17 36.00 -28.65
CA LEU B 82 -14.77 36.13 -29.07
C LEU B 82 -13.91 36.78 -27.97
N ILE B 83 -14.45 37.77 -27.30
CA ILE B 83 -13.68 38.46 -26.24
C ILE B 83 -13.56 37.56 -25.05
N ASP B 84 -14.62 36.84 -24.77
CA ASP B 84 -14.58 35.90 -23.62
C ASP B 84 -13.38 34.94 -23.77
N ASP B 85 -13.14 34.48 -24.99
CA ASP B 85 -12.00 33.59 -25.22
C ASP B 85 -10.67 34.34 -25.15
N LEU B 86 -10.58 35.56 -25.70
CA LEU B 86 -9.33 36.34 -25.56
C LEU B 86 -8.92 36.58 -24.11
N LEU B 87 -9.90 36.78 -23.24
CA LEU B 87 -9.57 37.08 -21.82
C LEU B 87 -8.88 35.93 -21.12
N GLU B 88 -9.04 34.72 -21.66
CA GLU B 88 -8.47 33.57 -20.97
C GLU B 88 -6.94 33.60 -21.03
N TYR B 89 -6.40 34.32 -22.02
CA TYR B 89 -4.93 34.46 -22.15
C TYR B 89 -4.37 35.69 -21.47
N MET B 90 -5.20 36.39 -20.72
CA MET B 90 -4.80 37.62 -20.05
C MET B 90 -4.80 37.46 -18.55
N SER B 91 -4.05 38.31 -17.85
CA SER B 91 -4.22 38.42 -16.42
C SER B 91 -5.56 39.10 -16.12
N PHE B 92 -5.95 39.14 -14.84
CA PHE B 92 -7.15 39.89 -14.49
C PHE B 92 -6.96 41.36 -14.83
N GLU B 93 -5.77 41.89 -14.57
CA GLU B 93 -5.54 43.31 -14.86
C GLU B 93 -5.61 43.61 -16.35
N GLU B 94 -4.96 42.77 -17.17
CA GLU B 94 -4.97 42.99 -18.64
C GLU B 94 -6.40 42.88 -19.15
N GLY B 95 -7.15 41.92 -18.63
CA GLY B 95 -8.54 41.73 -19.11
C GLY B 95 -9.41 42.92 -18.75
N SER B 96 -9.20 43.45 -17.55
CA SER B 96 -9.96 44.61 -17.13
C SER B 96 -9.61 45.82 -18.03
N ALA B 97 -8.33 46.02 -18.31
CA ALA B 97 -7.94 47.12 -19.17
C ALA B 97 -8.56 46.95 -20.56
N TYR B 98 -8.58 45.71 -21.04
CA TYR B 98 -9.13 45.44 -22.36
C TYR B 98 -10.63 45.77 -22.37
N ASN B 99 -11.37 45.25 -21.38
CA ASN B 99 -12.82 45.54 -21.40
C ASN B 99 -13.13 47.03 -21.17
N GLU B 100 -12.39 47.68 -20.27
CA GLU B 100 -12.69 49.07 -19.89
C GLU B 100 -12.54 50.00 -21.08
N LYS B 101 -11.61 49.68 -22.00
CA LYS B 101 -11.41 50.47 -23.21
C LYS B 101 -12.71 50.45 -24.03
N LEU B 102 -13.40 49.33 -24.03
CA LEU B 102 -14.57 49.15 -24.92
C LEU B 102 -15.86 49.79 -24.41
N ILE B 103 -15.88 50.14 -23.15
CA ILE B 103 -17.11 50.60 -22.51
C ILE B 103 -17.51 52.02 -23.00
N PRO B 104 -16.58 53.00 -23.00
CA PRO B 104 -16.95 54.30 -23.58
C PRO B 104 -17.24 54.21 -25.09
N ILE B 105 -16.56 53.30 -25.78
CA ILE B 105 -16.74 53.12 -27.20
C ILE B 105 -18.17 52.56 -27.45
N SER B 106 -18.58 51.63 -26.59
CA SER B 106 -19.91 51.02 -26.68
C SER B 106 -21.01 52.10 -26.50
N ARG B 107 -20.75 53.00 -25.56
CA ARG B 107 -21.68 54.12 -25.30
C ARG B 107 -21.71 55.09 -26.48
N GLY B 108 -20.63 55.11 -27.26
CA GLY B 108 -20.51 56.02 -28.39
C GLY B 108 -19.81 57.32 -28.01
N ASP B 109 -19.32 57.37 -26.77
CA ASP B 109 -18.71 58.56 -26.22
C ASP B 109 -17.26 58.72 -26.69
N VAL B 110 -16.64 57.62 -27.08
CA VAL B 110 -15.26 57.65 -27.57
C VAL B 110 -15.18 56.96 -28.92
N LEU B 111 -14.54 57.60 -29.89
CA LEU B 111 -14.45 57.02 -31.22
C LEU B 111 -13.47 55.86 -31.21
N PRO B 112 -13.68 54.89 -32.11
CA PRO B 112 -12.80 53.73 -32.15
C PRO B 112 -11.54 53.99 -32.96
N ASP B 113 -10.46 53.27 -32.65
CA ASP B 113 -9.28 53.25 -33.49
C ASP B 113 -9.59 52.27 -34.59
N ARG B 114 -9.76 52.79 -35.80
CA ARG B 114 -10.22 51.96 -36.90
C ARG B 114 -9.19 50.96 -37.37
N SER B 115 -7.98 51.00 -36.80
CA SER B 115 -7.00 49.97 -37.15
C SER B 115 -7.10 48.79 -36.18
N ILE B 116 -7.97 48.93 -35.17
CA ILE B 116 -8.19 47.87 -34.17
C ILE B 116 -9.61 47.29 -34.33
N PRO B 117 -9.75 46.08 -34.89
CA PRO B 117 -11.07 45.50 -35.20
C PRO B 117 -12.03 45.48 -34.01
N VAL B 118 -11.61 45.04 -32.82
CA VAL B 118 -12.60 44.97 -31.75
C VAL B 118 -13.22 46.37 -31.47
N GLU B 119 -12.43 47.44 -31.61
CA GLU B 119 -12.96 48.76 -31.24
C GLU B 119 -13.98 49.20 -32.26
N TYR B 120 -13.66 49.07 -33.53
CA TYR B 120 -14.63 49.56 -34.52
C TYR B 120 -15.84 48.64 -34.73
N ILE B 121 -15.65 47.33 -34.54
CA ILE B 121 -16.76 46.38 -34.54
C ILE B 121 -17.74 46.77 -33.41
N ILE B 122 -17.21 46.95 -32.20
CA ILE B 122 -18.05 47.33 -31.04
C ILE B 122 -18.76 48.69 -31.28
N TYR B 123 -17.98 49.70 -31.68
CA TYR B 123 -18.53 51.02 -31.97
C TYR B 123 -19.65 50.96 -33.03
N ASP B 124 -19.36 50.36 -34.18
CA ASP B 124 -20.33 50.34 -35.27
C ASP B 124 -21.58 49.54 -34.91
N LEU B 125 -21.41 48.45 -34.17
CA LEU B 125 -22.56 47.63 -33.78
C LEU B 125 -23.54 48.43 -32.91
N TRP B 126 -23.05 49.04 -31.84
CA TRP B 126 -23.92 49.79 -30.94
C TRP B 126 -24.51 51.04 -31.61
N GLU B 127 -23.73 51.72 -32.46
CA GLU B 127 -24.28 52.79 -33.29
C GLU B 127 -25.45 52.30 -34.14
N SER B 128 -25.31 51.12 -34.75
CA SER B 128 -26.36 50.57 -35.57
C SER B 128 -27.60 50.16 -34.73
N MET B 129 -27.40 49.68 -33.52
CA MET B 129 -28.53 49.32 -32.68
C MET B 129 -29.27 50.55 -32.19
N ARG B 130 -28.52 51.61 -31.84
CA ARG B 130 -29.16 52.87 -31.44
C ARG B 130 -29.93 53.52 -32.60
N ALA B 131 -29.42 53.40 -33.82
CA ALA B 131 -30.17 53.89 -35.00
C ALA B 131 -31.47 53.12 -35.18
N HIS B 132 -31.46 51.83 -34.87
CA HIS B 132 -32.67 51.02 -35.03
C HIS B 132 -33.69 51.29 -33.94
N ASP B 133 -33.23 51.38 -32.71
CA ASP B 133 -34.14 51.57 -31.58
C ASP B 133 -33.35 52.11 -30.38
N ARG B 134 -33.33 53.42 -30.26
CA ARG B 134 -32.46 54.10 -29.34
C ARG B 134 -32.71 53.72 -27.90
N GLU B 135 -33.97 53.84 -27.50
CA GLU B 135 -34.32 53.63 -26.12
C GLU B 135 -34.04 52.18 -25.71
N MET B 136 -34.41 51.22 -26.55
CA MET B 136 -34.14 49.82 -26.17
C MET B 136 -32.63 49.48 -26.23
N ALA B 137 -31.91 50.07 -27.17
CA ALA B 137 -30.48 49.77 -27.23
C ALA B 137 -29.76 50.32 -26.01
N ASP B 138 -30.16 51.49 -25.54
CA ASP B 138 -29.58 52.03 -24.32
C ASP B 138 -29.78 51.17 -23.10
N GLU B 139 -30.89 50.42 -23.06
CA GLU B 139 -31.15 49.59 -21.89
C GLU B 139 -30.23 48.35 -21.79
N ILE B 140 -29.47 48.08 -22.86
CA ILE B 140 -28.58 46.91 -22.87
C ILE B 140 -27.17 47.29 -22.34
N LEU B 141 -26.82 48.56 -22.39
CA LEU B 141 -25.44 49.00 -22.13
C LEU B 141 -24.97 48.62 -20.72
N GLU B 142 -25.62 49.13 -19.68
CA GLU B 142 -25.17 48.85 -18.31
C GLU B 142 -25.15 47.34 -17.97
N PRO B 143 -26.18 46.59 -18.43
CA PRO B 143 -26.07 45.13 -18.22
C PRO B 143 -24.82 44.52 -18.89
N VAL B 144 -24.47 44.98 -20.08
CA VAL B 144 -23.24 44.54 -20.70
C VAL B 144 -22.04 44.88 -19.82
N PHE B 145 -22.01 46.11 -19.30
CA PHE B 145 -20.83 46.60 -18.56
C PHE B 145 -20.69 45.88 -17.22
N LEU B 146 -21.83 45.49 -16.66
CA LEU B 146 -21.86 44.76 -15.40
C LEU B 146 -21.22 43.38 -15.61
N PHE B 147 -21.58 42.78 -16.74
CA PHE B 147 -21.04 41.46 -17.15
C PHE B 147 -19.55 41.58 -17.41
N MET B 148 -19.14 42.58 -18.18
CA MET B 148 -17.71 42.77 -18.47
C MET B 148 -16.88 42.90 -17.23
N ARG B 149 -17.39 43.64 -16.26
CA ARG B 149 -16.64 43.82 -15.02
C ARG B 149 -16.54 42.57 -14.15
N ALA B 150 -17.57 41.76 -14.18
CA ALA B 150 -17.55 40.51 -13.47
C ALA B 150 -16.51 39.55 -14.08
N GLN B 151 -16.30 39.65 -15.38
CA GLN B 151 -15.39 38.68 -16.04
C GLN B 151 -13.94 38.72 -15.52
N THR B 152 -13.53 39.87 -14.99
CA THR B 152 -12.15 40.01 -14.51
C THR B 152 -12.08 40.32 -13.02
N ASP B 153 -13.20 40.16 -12.31
CA ASP B 153 -13.28 40.48 -10.88
C ASP B 153 -12.36 39.54 -10.10
N ARG B 154 -11.50 40.05 -9.21
CA ARG B 154 -10.62 39.19 -8.37
C ARG B 154 -11.36 38.17 -7.52
N THR B 155 -12.65 38.37 -7.35
CA THR B 155 -13.43 37.41 -6.60
C THR B 155 -13.33 36.03 -7.23
N ARG B 156 -13.01 35.97 -8.53
CA ARG B 156 -12.85 34.69 -9.23
C ARG B 156 -11.75 33.84 -8.70
N ALA B 157 -10.76 34.46 -8.08
CA ALA B 157 -9.63 33.72 -7.61
C ALA B 157 -9.69 33.45 -6.11
N ARG B 158 -10.85 33.69 -5.49
CA ARG B 158 -11.01 33.49 -4.04
C ARG B 158 -12.05 32.39 -3.83
N PRO B 159 -11.99 31.69 -2.69
CA PRO B 159 -12.93 30.58 -2.39
C PRO B 159 -14.37 31.03 -2.50
N MET B 160 -15.21 30.21 -3.09
CA MET B 160 -16.63 30.51 -3.16
C MET B 160 -17.38 29.23 -2.80
N GLY B 161 -18.52 29.38 -2.16
CA GLY B 161 -19.45 28.26 -2.02
C GLY B 161 -20.47 28.33 -3.15
N LEU B 162 -21.32 27.32 -3.24
CA LEU B 162 -22.30 27.24 -4.34
C LEU B 162 -23.20 28.50 -4.38
N GLY B 163 -23.70 28.94 -3.23
CA GLY B 163 -24.54 30.13 -3.24
C GLY B 163 -23.84 31.40 -3.71
N GLY B 164 -22.64 31.66 -3.17
CA GLY B 164 -21.88 32.84 -3.55
C GLY B 164 -21.50 32.76 -5.03
N TYR B 165 -21.12 31.56 -5.48
CA TYR B 165 -20.84 31.41 -6.91
C TYR B 165 -22.05 31.81 -7.79
N LEU B 166 -23.25 31.30 -7.49
CA LEU B 166 -24.39 31.55 -8.38
C LEU B 166 -24.73 33.03 -8.38
N GLU B 167 -24.58 33.68 -7.21
CA GLU B 167 -24.82 35.12 -7.11
C GLU B 167 -23.87 35.89 -8.03
N TYR B 168 -22.60 35.48 -8.00
CA TYR B 168 -21.58 36.16 -8.80
C TYR B 168 -21.79 35.79 -10.30
N ARG B 169 -22.05 34.53 -10.53
CA ARG B 169 -22.12 34.02 -11.91
C ARG B 169 -23.34 34.62 -12.66
N GLU B 170 -24.34 35.15 -11.94
CA GLU B 170 -25.45 35.83 -12.62
C GLU B 170 -24.90 37.02 -13.44
N ARG B 171 -23.82 37.63 -12.93
CA ARG B 171 -23.19 38.75 -13.66
C ARG B 171 -22.24 38.21 -14.75
N ASP B 172 -21.40 37.25 -14.38
CA ASP B 172 -20.43 36.67 -15.33
C ASP B 172 -21.07 35.92 -16.51
N VAL B 173 -22.29 35.42 -16.32
CA VAL B 173 -23.02 34.71 -17.38
C VAL B 173 -23.81 35.67 -18.25
N GLY B 174 -23.93 36.92 -17.81
CA GLY B 174 -24.61 37.92 -18.64
C GLY B 174 -26.13 37.83 -18.60
N LYS B 175 -26.69 37.37 -17.49
CA LYS B 175 -28.15 37.21 -17.39
C LYS B 175 -28.92 38.48 -17.75
N GLU B 176 -28.54 39.61 -17.13
CA GLU B 176 -29.20 40.87 -17.41
C GLU B 176 -29.03 41.35 -18.83
N LEU B 177 -27.82 41.20 -19.40
CA LEU B 177 -27.67 41.67 -20.78
C LEU B 177 -28.48 40.80 -21.70
N LEU B 178 -28.54 39.49 -21.44
CA LEU B 178 -29.36 38.59 -22.30
C LEU B 178 -30.83 38.97 -22.23
N ALA B 179 -31.30 39.37 -21.06
CA ALA B 179 -32.71 39.74 -20.88
C ALA B 179 -33.00 41.06 -21.62
N ALA B 180 -32.11 42.03 -21.49
CA ALA B 180 -32.28 43.29 -22.26
C ALA B 180 -32.15 43.11 -23.74
N LEU B 181 -31.23 42.27 -24.15
CA LEU B 181 -31.06 41.95 -25.56
C LEU B 181 -32.29 41.22 -26.10
N MET B 182 -32.85 40.31 -25.30
CA MET B 182 -34.06 39.58 -25.71
C MET B 182 -35.19 40.58 -25.95
N ARG B 183 -35.37 41.50 -25.02
CA ARG B 183 -36.43 42.51 -25.16
C ARG B 183 -36.22 43.39 -26.41
N PHE B 184 -35.00 43.90 -26.56
CA PHE B 184 -34.65 44.61 -27.78
C PHE B 184 -34.99 43.80 -29.02
N SER B 185 -34.60 42.54 -29.07
CA SER B 185 -34.69 41.78 -30.32
C SER B 185 -36.12 41.55 -30.66
N MET B 186 -36.95 41.53 -29.62
CA MET B 186 -38.38 41.27 -29.83
C MET B 186 -39.23 42.55 -29.92
N GLY B 187 -38.59 43.70 -29.68
CA GLY B 187 -39.32 44.95 -29.51
C GLY B 187 -40.27 44.92 -28.32
N LEU B 188 -39.92 44.13 -27.32
CA LEU B 188 -40.79 43.88 -26.17
C LEU B 188 -40.52 44.87 -25.07
N LYS B 189 -41.43 45.83 -24.95
CA LYS B 189 -41.23 46.90 -24.00
C LYS B 189 -41.97 46.59 -22.71
N LEU B 190 -41.25 46.61 -21.60
CA LEU B 190 -41.88 46.35 -20.32
C LEU B 190 -41.63 47.56 -19.43
N SER B 191 -42.58 47.85 -18.56
CA SER B 191 -42.47 48.98 -17.64
C SER B 191 -41.58 48.61 -16.45
N PRO B 192 -41.09 49.63 -15.71
CA PRO B 192 -40.25 49.27 -14.56
C PRO B 192 -41.00 48.40 -13.56
N SER B 193 -42.29 48.70 -13.37
CA SER B 193 -43.08 47.89 -12.43
C SER B 193 -43.31 46.45 -12.93
N GLU B 194 -43.51 46.29 -14.25
CA GLU B 194 -43.56 44.95 -14.83
C GLU B 194 -42.26 44.20 -14.60
N LEU B 195 -41.12 44.85 -14.83
CA LEU B 195 -39.86 44.12 -14.65
C LEU B 195 -39.62 43.73 -13.19
N GLN B 196 -40.06 44.59 -12.26
CA GLN B 196 -39.92 44.30 -10.85
C GLN B 196 -40.72 43.07 -10.48
N ARG B 197 -41.85 42.84 -11.16
CA ARG B 197 -42.69 41.70 -10.85
C ARG B 197 -42.00 40.37 -11.20
N VAL B 198 -41.07 40.39 -12.13
CA VAL B 198 -40.44 39.12 -12.52
C VAL B 198 -39.00 38.98 -12.02
N ARG B 199 -38.61 39.80 -11.06
CA ARG B 199 -37.22 39.71 -10.58
C ARG B 199 -36.84 38.30 -10.09
N GLU B 200 -37.76 37.65 -9.40
CA GLU B 200 -37.51 36.33 -8.84
C GLU B 200 -37.41 35.28 -9.95
N ILE B 201 -38.25 35.44 -10.97
CA ILE B 201 -38.16 34.57 -12.11
C ILE B 201 -36.83 34.77 -12.86
N ASP B 202 -36.38 36.01 -12.98
CA ASP B 202 -35.08 36.24 -13.63
C ASP B 202 -33.95 35.55 -12.83
N ALA B 203 -33.99 35.70 -11.52
CA ALA B 203 -32.87 35.16 -10.68
C ALA B 203 -32.81 33.64 -10.80
N ASN B 204 -33.99 33.01 -10.87
CA ASN B 204 -34.05 31.56 -10.98
C ASN B 204 -33.56 31.12 -12.37
N CYS B 205 -33.95 31.86 -13.39
CA CYS B 205 -33.53 31.55 -14.76
C CYS B 205 -31.99 31.66 -14.91
N SER B 206 -31.40 32.66 -14.26
CA SER B 206 -29.93 32.80 -14.30
C SER B 206 -29.19 31.57 -13.78
N LYS B 207 -29.69 30.97 -12.71
CA LYS B 207 -29.02 29.75 -12.19
C LYS B 207 -29.03 28.62 -13.20
N HIS B 208 -30.17 28.42 -13.88
CA HIS B 208 -30.25 27.38 -14.90
C HIS B 208 -29.30 27.64 -16.07
N LEU B 209 -29.28 28.87 -16.61
CA LEU B 209 -28.41 29.16 -17.72
C LEU B 209 -26.92 28.92 -17.34
N SER B 210 -26.56 29.43 -16.17
CA SER B 210 -25.20 29.29 -15.63
C SER B 210 -24.78 27.85 -15.49
N VAL B 211 -25.61 27.06 -14.83
CA VAL B 211 -25.20 25.68 -14.51
C VAL B 211 -25.24 24.75 -15.72
N VAL B 212 -26.23 24.93 -16.60
CA VAL B 212 -26.20 24.15 -17.84
C VAL B 212 -24.93 24.50 -18.62
N ASN B 213 -24.61 25.78 -18.73
CA ASN B 213 -23.34 26.10 -19.41
C ASN B 213 -22.14 25.44 -18.70
N ASP B 214 -22.14 25.54 -17.37
CA ASP B 214 -21.02 25.00 -16.59
C ASP B 214 -20.83 23.51 -16.84
N ILE B 215 -21.94 22.78 -16.87
CA ILE B 215 -21.91 21.32 -17.07
C ILE B 215 -21.29 21.00 -18.41
N TYR B 216 -21.78 21.66 -19.45
CA TYR B 216 -21.31 21.28 -20.81
C TYR B 216 -19.94 21.85 -21.15
N SER B 217 -19.60 23.01 -20.59
CA SER B 217 -18.35 23.68 -20.97
C SER B 217 -17.20 23.29 -20.02
N TYR B 218 -17.47 22.35 -19.11
CA TYR B 218 -16.45 22.04 -18.11
C TYR B 218 -15.15 21.46 -18.72
N GLU B 219 -15.28 20.51 -19.65
CA GLU B 219 -14.06 19.93 -20.25
C GLU B 219 -13.19 20.98 -20.94
N LYS B 220 -13.86 21.84 -21.72
CA LYS B 220 -13.16 23.01 -22.35
C LYS B 220 -12.48 23.90 -21.31
N GLU B 221 -13.20 24.25 -20.25
CA GLU B 221 -12.65 25.10 -19.20
C GLU B 221 -11.52 24.45 -18.38
N LEU B 222 -11.60 23.13 -18.19
CA LEU B 222 -10.56 22.40 -17.46
C LEU B 222 -9.26 22.48 -18.30
N TYR B 223 -9.40 22.24 -19.58
CA TYR B 223 -8.24 22.31 -20.48
C TYR B 223 -7.64 23.71 -20.50
N THR B 224 -8.48 24.72 -20.67
CA THR B 224 -8.03 26.10 -20.58
C THR B 224 -7.30 26.40 -19.28
N SER B 225 -7.83 25.86 -18.18
CA SER B 225 -7.22 26.16 -16.89
C SER B 225 -5.78 25.66 -16.80
N LYS B 226 -5.46 24.60 -17.53
CA LYS B 226 -4.14 24.00 -17.47
C LYS B 226 -3.21 24.56 -18.53
N THR B 227 -3.73 25.31 -19.50
CA THR B 227 -2.94 25.66 -20.65
C THR B 227 -2.82 27.17 -20.86
N ALA B 228 -3.85 27.92 -20.49
CA ALA B 228 -3.87 29.37 -20.71
C ALA B 228 -3.30 30.15 -19.51
N HIS B 229 -3.74 31.39 -19.37
CA HIS B 229 -3.22 32.21 -18.29
C HIS B 229 -3.77 31.72 -16.94
N SER B 230 -2.94 31.69 -15.89
CA SER B 230 -3.37 31.12 -14.62
C SER B 230 -4.53 31.94 -14.00
N GLU B 231 -4.61 33.22 -14.32
CA GLU B 231 -5.72 34.04 -13.86
C GLU B 231 -6.89 34.03 -14.88
N GLY B 232 -6.62 34.50 -16.09
CA GLY B 232 -7.65 34.53 -17.14
C GLY B 232 -8.35 33.19 -17.34
N GLY B 233 -7.62 32.11 -17.21
CA GLY B 233 -8.17 30.79 -17.50
C GLY B 233 -8.56 30.01 -16.26
N ILE B 234 -8.55 30.69 -15.09
CA ILE B 234 -8.83 30.04 -13.79
C ILE B 234 -10.17 29.28 -13.91
N LEU B 235 -10.19 28.09 -13.31
CA LEU B 235 -11.38 27.24 -13.29
C LEU B 235 -12.33 27.73 -12.22
N CYS B 236 -13.35 28.45 -12.64
CA CYS B 236 -14.36 28.98 -11.75
C CYS B 236 -15.74 28.56 -12.32
N THR B 237 -16.36 27.54 -11.70
CA THR B 237 -17.53 26.88 -12.25
C THR B 237 -18.20 26.06 -11.13
N SER B 238 -19.51 25.94 -11.23
CA SER B 238 -20.27 25.14 -10.25
C SER B 238 -19.82 23.68 -10.20
N VAL B 239 -19.30 23.14 -11.32
CA VAL B 239 -18.93 21.73 -11.37
C VAL B 239 -17.77 21.54 -10.39
N GLN B 240 -16.84 22.48 -10.40
CA GLN B 240 -15.74 22.27 -9.49
C GLN B 240 -16.12 22.64 -8.05
N ILE B 241 -16.96 23.65 -7.92
CA ILE B 241 -17.36 24.09 -6.58
C ILE B 241 -18.08 22.97 -5.86
N LEU B 242 -19.07 22.40 -6.53
CA LEU B 242 -19.82 21.29 -5.90
C LEU B 242 -18.94 20.05 -5.70
N ALA B 243 -18.09 19.74 -6.68
CA ALA B 243 -17.20 18.60 -6.50
C ALA B 243 -16.35 18.82 -5.24
N GLN B 244 -15.91 20.06 -5.03
CA GLN B 244 -15.03 20.29 -3.87
C GLN B 244 -15.84 20.27 -2.56
N GLU B 245 -17.04 20.84 -2.56
CA GLU B 245 -17.86 20.87 -1.34
C GLU B 245 -18.26 19.46 -0.91
N ALA B 246 -18.57 18.63 -1.89
CA ALA B 246 -19.08 17.29 -1.58
C ALA B 246 -18.02 16.21 -1.63
N ASP B 247 -16.82 16.56 -2.06
CA ASP B 247 -15.76 15.55 -2.26
C ASP B 247 -16.21 14.43 -3.21
N VAL B 248 -16.63 14.79 -4.42
CA VAL B 248 -16.88 13.82 -5.44
C VAL B 248 -16.19 14.28 -6.73
N THR B 249 -16.19 13.44 -7.76
CA THR B 249 -15.59 13.84 -9.02
C THR B 249 -16.42 14.90 -9.73
N ALA B 250 -15.80 15.55 -10.72
CA ALA B 250 -16.51 16.46 -11.62
C ALA B 250 -17.67 15.78 -12.31
N GLU B 251 -17.49 14.51 -12.73
CA GLU B 251 -18.59 13.84 -13.50
C GLU B 251 -19.78 13.63 -12.56
N ALA B 252 -19.48 13.29 -11.31
CA ALA B 252 -20.51 13.11 -10.27
C ALA B 252 -21.24 14.43 -9.98
N ALA B 253 -20.47 15.50 -9.86
CA ALA B 253 -21.02 16.85 -9.67
C ALA B 253 -21.97 17.24 -10.84
N LYS B 254 -21.61 16.91 -12.07
CA LYS B 254 -22.44 17.25 -13.20
C LYS B 254 -23.78 16.54 -13.11
N ARG B 255 -23.76 15.27 -12.73
CA ARG B 255 -25.01 14.53 -12.55
C ARG B 255 -25.91 15.16 -11.51
N VAL B 256 -25.32 15.61 -10.41
CA VAL B 256 -26.12 16.23 -9.35
C VAL B 256 -26.64 17.60 -9.80
N LEU B 257 -25.78 18.35 -10.46
CA LEU B 257 -26.16 19.69 -10.91
C LEU B 257 -27.28 19.62 -11.94
N PHE B 258 -27.27 18.57 -12.72
CA PHE B 258 -28.26 18.50 -13.80
C PHE B 258 -29.66 18.30 -13.17
N VAL B 259 -29.70 17.52 -12.10
CA VAL B 259 -30.94 17.34 -11.32
C VAL B 259 -31.37 18.66 -10.71
N MET B 260 -30.42 19.43 -10.18
CA MET B 260 -30.76 20.75 -9.68
CA MET B 260 -30.70 20.77 -9.69
C MET B 260 -31.31 21.64 -10.80
N CYS B 261 -30.76 21.54 -12.00
CA CYS B 261 -31.32 22.37 -13.10
C CYS B 261 -32.80 22.04 -13.31
N ARG B 262 -33.20 20.78 -13.23
CA ARG B 262 -34.62 20.45 -13.44
C ARG B 262 -35.45 21.00 -12.28
N GLU B 263 -34.87 21.10 -11.09
CA GLU B 263 -35.59 21.75 -10.03
C GLU B 263 -35.82 23.23 -10.34
N TRP B 264 -34.84 23.88 -10.97
CA TRP B 264 -35.05 25.28 -11.31
C TRP B 264 -36.12 25.40 -12.43
N GLU B 265 -36.26 24.37 -13.26
CA GLU B 265 -37.29 24.46 -14.30
C GLU B 265 -38.66 24.35 -13.63
N LEU B 266 -38.80 23.45 -12.67
CA LEU B 266 -40.07 23.35 -11.90
C LEU B 266 -40.38 24.64 -11.20
N ARG B 267 -39.36 25.24 -10.60
CA ARG B 267 -39.52 26.53 -9.96
C ARG B 267 -39.97 27.66 -10.89
N HIS B 268 -39.39 27.71 -12.08
CA HIS B 268 -39.83 28.64 -13.12
C HIS B 268 -41.33 28.46 -13.35
N GLN B 269 -41.76 27.22 -13.58
CA GLN B 269 -43.17 26.97 -13.85
C GLN B 269 -44.07 27.36 -12.69
N LEU B 270 -43.66 27.02 -11.47
CA LEU B 270 -44.39 27.45 -10.26
C LEU B 270 -44.52 28.97 -10.14
N LEU B 271 -43.42 29.67 -10.37
CA LEU B 271 -43.45 31.13 -10.24
C LEU B 271 -44.29 31.81 -11.31
N VAL B 272 -44.21 31.30 -12.52
CA VAL B 272 -45.03 31.86 -13.61
C VAL B 272 -46.52 31.57 -13.29
N ALA B 273 -46.83 30.37 -12.82
CA ALA B 273 -48.21 29.99 -12.49
C ALA B 273 -48.77 30.94 -11.46
N ARG B 274 -47.98 31.24 -10.43
CA ARG B 274 -48.38 32.17 -9.38
C ARG B 274 -48.58 33.60 -9.90
N LEU B 275 -47.68 34.03 -10.77
CA LEU B 275 -47.81 35.35 -11.35
C LEU B 275 -49.15 35.46 -12.06
N SER B 276 -49.48 34.44 -12.84
CA SER B 276 -50.74 34.44 -13.59
C SER B 276 -51.95 34.36 -12.65
N ALA B 277 -51.85 33.47 -11.65
CA ALA B 277 -52.93 33.30 -10.66
C ALA B 277 -53.27 34.56 -9.90
N GLU B 278 -52.28 35.40 -9.61
CA GLU B 278 -52.50 36.64 -8.86
C GLU B 278 -52.98 37.79 -9.73
N GLY B 279 -53.19 37.51 -11.00
CA GLY B 279 -53.65 38.49 -11.96
C GLY B 279 -52.55 39.46 -12.39
N LEU B 280 -51.30 39.03 -12.26
CA LEU B 280 -50.17 39.94 -12.47
C LEU B 280 -49.42 39.72 -13.78
N GLU B 281 -49.81 38.69 -14.54
CA GLU B 281 -49.13 38.41 -15.79
C GLU B 281 -49.76 39.17 -16.94
N THR B 282 -49.22 40.33 -17.27
CA THR B 282 -49.62 41.09 -18.46
C THR B 282 -49.24 40.39 -19.75
N PRO B 283 -49.77 40.87 -20.91
CA PRO B 283 -49.35 40.20 -22.14
C PRO B 283 -47.84 40.33 -22.36
N GLY B 284 -47.26 41.48 -22.06
CA GLY B 284 -45.81 41.64 -22.20
C GLY B 284 -45.07 40.67 -21.27
N LEU B 285 -45.54 40.55 -20.03
CA LEU B 285 -44.87 39.65 -19.09
C LEU B 285 -45.03 38.19 -19.54
N ALA B 286 -46.18 37.87 -20.11
CA ALA B 286 -46.36 36.50 -20.60
C ALA B 286 -45.35 36.20 -21.74
N ALA B 287 -45.16 37.15 -22.65
CA ALA B 287 -44.18 36.98 -23.75
C ALA B 287 -42.76 36.90 -23.14
N TYR B 288 -42.51 37.71 -22.11
CA TYR B 288 -41.17 37.77 -21.53
C TYR B 288 -40.81 36.45 -20.86
N VAL B 289 -41.71 35.88 -20.03
CA VAL B 289 -41.35 34.67 -19.28
C VAL B 289 -41.25 33.48 -20.21
N GLU B 290 -42.05 33.47 -21.27
CA GLU B 290 -41.92 32.45 -22.29
C GLU B 290 -40.54 32.61 -23.00
N GLY B 291 -40.15 33.87 -23.19
CA GLY B 291 -38.83 34.16 -23.75
C GLY B 291 -37.71 33.58 -22.89
N LEU B 292 -37.83 33.74 -21.58
CA LEU B 292 -36.85 33.17 -20.66
C LEU B 292 -36.78 31.65 -20.77
N GLU B 293 -37.93 31.01 -20.98
CA GLU B 293 -37.94 29.56 -21.11
C GLU B 293 -37.18 29.14 -22.39
N TYR B 294 -37.38 29.87 -23.49
CA TYR B 294 -36.59 29.60 -24.70
C TYR B 294 -35.09 29.78 -24.45
N GLN B 295 -34.70 30.81 -23.71
CA GLN B 295 -33.27 30.91 -23.38
C GLN B 295 -32.77 29.67 -22.68
N MET B 296 -33.52 29.15 -21.71
CA MET B 296 -33.05 28.02 -20.93
C MET B 296 -32.98 26.75 -21.79
N SER B 297 -34.04 26.45 -22.57
CA SER B 297 -34.04 25.25 -23.40
C SER B 297 -33.08 25.40 -24.60
N GLY B 298 -33.00 26.59 -25.17
CA GLY B 298 -32.10 26.87 -26.30
C GLY B 298 -30.66 26.71 -25.88
N ASN B 299 -30.33 27.27 -24.71
CA ASN B 299 -28.98 27.12 -24.16
C ASN B 299 -28.59 25.66 -24.04
N GLU B 300 -29.50 24.87 -23.47
CA GLU B 300 -29.21 23.46 -23.27
C GLU B 300 -29.00 22.68 -24.60
N LEU B 301 -29.89 22.89 -25.56
CA LEU B 301 -29.79 22.24 -26.89
C LEU B 301 -28.47 22.61 -27.58
N TRP B 302 -28.15 23.89 -27.58
CA TRP B 302 -26.87 24.26 -28.24
C TRP B 302 -25.68 23.74 -27.45
N SER B 303 -25.74 23.83 -26.12
CA SER B 303 -24.57 23.41 -25.30
C SER B 303 -24.31 21.93 -25.50
N GLN B 304 -25.38 21.15 -25.69
CA GLN B 304 -25.17 19.70 -25.78
C GLN B 304 -24.76 19.25 -27.20
N THR B 305 -24.81 20.18 -28.15
CA THR B 305 -24.48 19.85 -29.56
C THR B 305 -23.28 20.69 -30.15
N THR B 306 -22.98 21.84 -29.58
CA THR B 306 -21.92 22.67 -30.21
C THR B 306 -20.54 22.01 -30.12
N LEU B 307 -19.78 22.15 -31.21
CA LEU B 307 -18.41 21.67 -31.25
C LEU B 307 -17.53 22.50 -30.33
N ARG B 308 -18.00 23.68 -29.94
CA ARG B 308 -17.22 24.50 -28.98
C ARG B 308 -16.97 23.70 -27.70
N TYR B 309 -17.94 22.89 -27.30
CA TYR B 309 -17.80 22.16 -26.04
C TYR B 309 -17.37 20.70 -26.24
N SER B 310 -17.64 20.13 -27.39
CA SER B 310 -17.30 18.73 -27.58
C SER B 310 -15.92 18.50 -28.19
N VAL B 311 -15.32 19.53 -28.82
CA VAL B 311 -13.93 19.49 -29.31
C VAL B 311 -13.13 20.76 -28.93
N LEU C 8 6.09 -22.83 6.67
CA LEU C 8 7.43 -23.30 7.03
C LEU C 8 7.42 -24.71 7.61
N GLU C 9 8.11 -25.63 6.95
CA GLU C 9 8.04 -27.04 7.31
C GLU C 9 9.35 -27.60 7.85
N PRO C 10 9.39 -27.89 9.16
CA PRO C 10 10.63 -28.43 9.75
C PRO C 10 11.05 -29.81 9.21
N PRO C 11 12.33 -29.96 8.83
CA PRO C 11 12.86 -31.26 8.43
C PRO C 11 12.84 -32.18 9.63
N PRO C 12 12.78 -33.50 9.39
CA PRO C 12 12.70 -34.44 10.51
C PRO C 12 13.85 -34.25 11.51
N SER C 13 13.58 -34.54 12.78
CA SER C 13 14.62 -34.51 13.79
C SER C 13 14.53 -35.74 14.67
N THR C 14 15.67 -36.22 15.13
CA THR C 14 15.68 -37.29 16.12
C THR C 14 15.63 -36.75 17.57
N PHE C 15 15.63 -35.43 17.73
CA PHE C 15 15.60 -34.85 19.07
C PHE C 15 14.16 -34.73 19.60
N GLN C 16 13.87 -35.36 20.74
CA GLN C 16 12.54 -35.29 21.35
C GLN C 16 12.53 -34.30 22.51
N PRO C 17 11.72 -33.22 22.42
CA PRO C 17 11.72 -32.26 23.53
C PRO C 17 11.06 -32.80 24.80
N LEU C 18 11.47 -32.26 25.95
CA LEU C 18 10.97 -32.68 27.25
C LEU C 18 10.72 -31.41 28.06
N CYS C 19 9.69 -31.38 28.91
CA CYS C 19 9.37 -30.15 29.64
C CYS C 19 9.41 -30.44 31.12
N HIS C 20 9.80 -29.44 31.92
CA HIS C 20 9.87 -29.64 33.36
C HIS C 20 8.47 -30.03 33.90
N PRO C 21 8.40 -31.03 34.79
CA PRO C 21 7.11 -31.48 35.33
C PRO C 21 6.37 -30.38 36.08
N LEU C 22 7.10 -29.40 36.60
CA LEU C 22 6.47 -28.32 37.38
C LEU C 22 6.09 -27.09 36.59
N VAL C 23 6.04 -27.17 35.25
CA VAL C 23 5.88 -25.96 34.44
C VAL C 23 4.63 -25.14 34.73
N GLU C 24 3.51 -25.80 35.06
CA GLU C 24 2.28 -25.04 35.34
C GLU C 24 2.40 -24.18 36.60
N GLU C 25 2.87 -24.76 37.70
CA GLU C 25 2.94 -23.98 38.93
C GLU C 25 4.06 -22.93 38.89
N VAL C 26 5.22 -23.32 38.34
CA VAL C 26 6.38 -22.41 38.34
C VAL C 26 6.09 -21.23 37.43
N SER C 27 5.43 -21.48 36.31
CA SER C 27 5.03 -20.42 35.40
C SER C 27 4.05 -19.46 36.04
N LYS C 28 3.16 -20.01 36.87
CA LYS C 28 2.23 -19.14 37.57
C LYS C 28 3.01 -18.35 38.61
N GLU C 29 3.81 -19.05 39.42
CA GLU C 29 4.70 -18.39 40.39
C GLU C 29 5.45 -17.23 39.72
N VAL C 30 6.23 -17.52 38.68
CA VAL C 30 7.13 -16.48 38.10
C VAL C 30 6.43 -15.41 37.27
N ASP C 31 5.47 -15.78 36.42
CA ASP C 31 4.68 -14.75 35.72
C ASP C 31 3.99 -13.83 36.75
N GLY C 32 3.53 -14.44 37.84
CA GLY C 32 2.91 -13.68 38.91
C GLY C 32 3.86 -12.67 39.53
N TYR C 33 5.08 -13.13 39.85
CA TYR C 33 6.09 -12.18 40.39
C TYR C 33 6.28 -10.96 39.50
N PHE C 34 6.51 -11.18 38.20
CA PHE C 34 6.69 -10.09 37.26
C PHE C 34 5.47 -9.19 37.07
N LEU C 35 4.28 -9.76 37.04
CA LEU C 35 3.11 -8.89 36.89
C LEU C 35 3.00 -7.91 38.08
N GLN C 36 3.38 -8.38 39.28
CA GLN C 36 3.38 -7.56 40.51
C GLN C 36 4.46 -6.44 40.42
N HIS C 37 5.67 -6.78 39.98
CA HIS C 37 6.84 -5.89 40.17
C HIS C 37 7.33 -5.12 38.95
N TRP C 38 7.28 -5.76 37.77
CA TRP C 38 7.78 -5.17 36.53
C TRP C 38 6.87 -4.03 36.04
N ASN C 39 7.47 -2.96 35.53
CA ASN C 39 6.72 -1.81 35.05
C ASN C 39 6.27 -1.92 33.60
N PHE C 40 5.28 -2.76 33.36
CA PHE C 40 4.60 -2.84 32.05
C PHE C 40 3.86 -1.53 31.75
N PRO C 41 3.97 -1.05 30.48
CA PRO C 41 3.46 0.27 30.03
C PRO C 41 1.93 0.40 29.91
N ASN C 42 1.22 -0.72 29.78
CA ASN C 42 -0.24 -0.74 29.63
C ASN C 42 -0.73 -2.18 29.78
N GLU C 43 -2.03 -2.40 29.67
CA GLU C 43 -2.60 -3.73 29.87
C GLU C 43 -2.31 -4.70 28.70
N LYS C 44 -2.12 -4.14 27.51
CA LYS C 44 -1.82 -4.92 26.30
C LYS C 44 -0.48 -5.62 26.50
N ALA C 45 0.49 -4.81 26.91
CA ALA C 45 1.83 -5.28 27.26
C ALA C 45 1.80 -6.38 28.31
N ARG C 46 0.87 -6.29 29.27
CA ARG C 46 0.78 -7.33 30.28
C ARG C 46 0.29 -8.66 29.71
N LYS C 47 -0.65 -8.61 28.77
CA LYS C 47 -1.19 -9.83 28.21
C LYS C 47 -0.16 -10.48 27.27
N LYS C 48 0.56 -9.64 26.53
CA LYS C 48 1.57 -10.12 25.57
C LYS C 48 2.70 -10.83 26.33
N PHE C 49 3.06 -10.30 27.48
CA PHE C 49 4.04 -10.92 28.36
C PHE C 49 3.61 -12.32 28.75
N VAL C 50 2.37 -12.48 29.19
CA VAL C 50 1.94 -13.79 29.66
C VAL C 50 1.90 -14.71 28.44
N ALA C 51 1.52 -14.11 27.33
CA ALA C 51 1.31 -14.85 26.09
C ALA C 51 2.62 -15.47 25.55
N ALA C 52 3.75 -14.81 25.82
CA ALA C 52 5.06 -15.31 25.38
C ALA C 52 5.40 -16.66 25.96
N GLY C 53 5.09 -16.84 27.25
CA GLY C 53 5.41 -18.07 27.91
C GLY C 53 6.89 -18.18 28.26
N PHE C 54 7.47 -17.12 28.80
CA PHE C 54 8.87 -17.14 29.23
C PHE C 54 9.24 -18.24 30.18
N SER C 55 8.39 -18.57 31.15
CA SER C 55 8.70 -19.73 31.99
C SER C 55 8.46 -21.07 31.29
N ARG C 56 7.60 -21.06 30.29
CA ARG C 56 7.38 -22.29 29.54
C ARG C 56 8.65 -22.65 28.72
N VAL C 57 9.26 -21.66 28.09
CA VAL C 57 10.52 -21.94 27.38
C VAL C 57 11.64 -22.36 28.37
N THR C 58 11.68 -21.72 29.54
CA THR C 58 12.67 -22.13 30.50
C THR C 58 12.54 -23.58 30.92
N CYS C 59 11.29 -24.02 31.10
CA CYS C 59 11.04 -25.38 31.52
C CYS C 59 11.34 -26.41 30.43
N LEU C 60 11.27 -25.96 29.18
CA LEU C 60 11.64 -26.77 28.01
C LEU C 60 13.18 -26.80 27.86
N TYR C 61 13.83 -25.67 28.14
CA TYR C 61 15.29 -25.61 28.14
C TYR C 61 15.91 -26.49 29.20
N PHE C 62 15.37 -26.45 30.43
CA PHE C 62 15.96 -27.21 31.51
C PHE C 62 14.94 -28.17 32.14
N PRO C 63 14.54 -29.23 31.40
CA PRO C 63 13.49 -30.11 31.94
C PRO C 63 13.92 -30.96 33.11
N LYS C 64 15.22 -31.18 33.31
CA LYS C 64 15.71 -31.96 34.46
C LYS C 64 16.31 -31.11 35.58
N ALA C 65 15.97 -29.81 35.59
CA ALA C 65 16.31 -28.91 36.71
C ALA C 65 15.74 -29.48 38.00
N LEU C 66 16.43 -29.30 39.11
CA LEU C 66 15.90 -29.73 40.41
C LEU C 66 14.64 -28.91 40.70
N ASP C 67 13.63 -29.51 41.35
CA ASP C 67 12.36 -28.81 41.64
C ASP C 67 12.51 -27.50 42.42
N ASP C 68 13.48 -27.44 43.34
CA ASP C 68 13.71 -26.21 44.12
C ASP C 68 14.63 -25.19 43.44
N ARG C 69 15.00 -25.42 42.17
CA ARG C 69 15.87 -24.46 41.49
C ARG C 69 15.28 -23.95 40.20
N ILE C 70 14.32 -24.70 39.63
CA ILE C 70 13.74 -24.29 38.34
C ILE C 70 13.26 -22.84 38.34
N HIS C 71 12.68 -22.39 39.44
CA HIS C 71 12.14 -21.03 39.46
C HIS C 71 13.23 -19.96 39.29
N PHE C 72 14.44 -20.19 39.81
CA PHE C 72 15.52 -19.18 39.65
C PHE C 72 15.82 -18.96 38.17
N ALA C 73 15.93 -20.08 37.44
CA ALA C 73 16.10 -20.05 36.00
C ALA C 73 14.98 -19.32 35.27
N CYS C 74 13.73 -19.61 35.62
CA CYS C 74 12.61 -18.85 35.05
C CYS C 74 12.67 -17.35 35.28
N ARG C 75 13.07 -16.93 36.49
CA ARG C 75 13.17 -15.51 36.74
C ARG C 75 14.29 -14.86 35.95
N LEU C 76 15.43 -15.53 35.87
CA LEU C 76 16.57 -14.92 35.18
C LEU C 76 16.28 -14.74 33.69
N LEU C 77 15.79 -15.79 33.02
CA LEU C 77 15.49 -15.66 31.59
C LEU C 77 14.35 -14.69 31.35
N THR C 78 13.34 -14.69 32.23
CA THR C 78 12.27 -13.72 32.03
C THR C 78 12.75 -12.28 32.04
N VAL C 79 13.55 -11.93 33.05
CA VAL C 79 14.07 -10.57 33.09
C VAL C 79 14.96 -10.26 31.87
N LEU C 80 15.74 -11.24 31.42
CA LEU C 80 16.65 -10.99 30.29
C LEU C 80 15.83 -10.80 29.00
N PHE C 81 14.76 -11.58 28.86
CA PHE C 81 13.83 -11.42 27.73
C PHE C 81 13.24 -10.02 27.73
N LEU C 82 12.80 -9.56 28.90
CA LEU C 82 12.21 -8.22 28.95
C LEU C 82 13.21 -7.13 28.58
N ILE C 83 14.46 -7.30 29.01
CA ILE C 83 15.46 -6.26 28.73
C ILE C 83 15.83 -6.32 27.25
N ASP C 84 15.95 -7.54 26.75
CA ASP C 84 16.23 -7.76 25.32
C ASP C 84 15.29 -6.87 24.49
N ASP C 85 14.00 -6.86 24.85
CA ASP C 85 13.05 -6.03 24.12
C ASP C 85 13.22 -4.53 24.31
N LEU C 86 13.51 -4.09 25.54
CA LEU C 86 13.74 -2.68 25.78
C LEU C 86 14.92 -2.13 25.02
N LEU C 87 15.96 -2.96 24.84
CA LEU C 87 17.18 -2.51 24.18
C LEU C 87 16.95 -2.19 22.67
N GLU C 88 15.93 -2.77 22.08
CA GLU C 88 15.58 -2.47 20.67
C GLU C 88 15.21 -1.00 20.43
N TYR C 89 14.68 -0.35 21.48
CA TYR C 89 14.32 1.07 21.38
C TYR C 89 15.42 2.02 21.82
N MET C 90 16.63 1.47 22.04
CA MET C 90 17.74 2.30 22.45
C MET C 90 18.90 2.33 21.43
N SER C 91 19.72 3.38 21.49
CA SER C 91 20.97 3.39 20.75
C SER C 91 21.95 2.36 21.34
N PHE C 92 23.05 2.10 20.65
CA PHE C 92 24.08 1.22 21.19
C PHE C 92 24.61 1.80 22.47
N GLU C 93 24.83 3.12 22.53
CA GLU C 93 25.41 3.72 23.72
C GLU C 93 24.41 3.68 24.88
N GLU C 94 23.15 4.01 24.61
CA GLU C 94 22.09 3.93 25.62
C GLU C 94 21.92 2.50 26.14
N GLY C 95 21.85 1.54 25.23
CA GLY C 95 21.72 0.15 25.64
C GLY C 95 22.87 -0.34 26.49
N SER C 96 24.07 0.09 26.11
CA SER C 96 25.24 -0.25 26.88
C SER C 96 25.18 0.38 28.28
N ALA C 97 24.80 1.65 28.37
CA ALA C 97 24.71 2.26 29.70
C ALA C 97 23.69 1.53 30.54
N TYR C 98 22.61 1.09 29.91
CA TYR C 98 21.53 0.46 30.66
C TYR C 98 22.03 -0.88 31.21
N ASN C 99 22.66 -1.67 30.34
CA ASN C 99 23.21 -2.94 30.77
C ASN C 99 24.32 -2.81 31.82
N GLU C 100 25.26 -1.89 31.63
CA GLU C 100 26.41 -1.78 32.53
C GLU C 100 25.97 -1.40 33.96
N LYS C 101 24.88 -0.65 34.06
CA LYS C 101 24.36 -0.27 35.35
C LYS C 101 23.94 -1.51 36.16
N LEU C 102 23.41 -2.51 35.47
CA LEU C 102 22.93 -3.72 36.13
C LEU C 102 24.04 -4.70 36.52
N ILE C 103 25.24 -4.51 35.98
CA ILE C 103 26.35 -5.48 36.19
C ILE C 103 26.89 -5.51 37.66
N PRO C 104 27.27 -4.35 38.24
CA PRO C 104 27.62 -4.32 39.66
C PRO C 104 26.46 -4.71 40.59
N ILE C 105 25.24 -4.39 40.17
CA ILE C 105 24.05 -4.82 40.92
C ILE C 105 23.89 -6.36 40.89
N SER C 106 24.09 -6.97 39.72
CA SER C 106 24.09 -8.42 39.59
C SER C 106 25.12 -9.08 40.49
N ARG C 107 26.29 -8.46 40.59
CA ARG C 107 27.35 -9.01 41.43
C ARG C 107 27.02 -8.85 42.92
N GLY C 108 26.06 -8.00 43.24
CA GLY C 108 25.77 -7.70 44.63
C GLY C 108 26.66 -6.58 45.17
N ASP C 109 27.45 -5.95 44.29
CA ASP C 109 28.41 -4.92 44.74
C ASP C 109 27.74 -3.58 44.96
N VAL C 110 26.63 -3.37 44.26
CA VAL C 110 25.92 -2.09 44.32
C VAL C 110 24.45 -2.33 44.66
N LEU C 111 23.89 -1.58 45.62
CA LEU C 111 22.47 -1.71 46.00
C LEU C 111 21.57 -1.14 44.91
N PRO C 112 20.35 -1.72 44.76
CA PRO C 112 19.45 -1.24 43.71
C PRO C 112 18.71 0.00 44.19
N ASP C 113 18.32 0.87 43.26
CA ASP C 113 17.35 1.92 43.57
C ASP C 113 16.02 1.20 43.52
N ARG C 114 15.34 1.07 44.66
CA ARG C 114 14.16 0.21 44.67
C ARG C 114 12.94 0.88 44.01
N SER C 115 13.07 2.14 43.60
CA SER C 115 12.00 2.74 42.79
C SER C 115 12.14 2.30 41.32
N ILE C 116 13.25 1.65 41.01
CA ILE C 116 13.46 1.12 39.63
C ILE C 116 13.39 -0.41 39.59
N PRO C 117 12.26 -0.95 39.09
CA PRO C 117 12.04 -2.40 39.14
C PRO C 117 13.14 -3.25 38.48
N VAL C 118 13.68 -2.91 37.30
CA VAL C 118 14.76 -3.78 36.79
C VAL C 118 15.91 -3.90 37.80
N GLU C 119 16.22 -2.79 38.47
CA GLU C 119 17.32 -2.79 39.44
C GLU C 119 17.09 -3.75 40.64
N TYR C 120 15.95 -3.64 41.30
CA TYR C 120 15.74 -4.54 42.46
C TYR C 120 15.42 -5.96 42.09
N ILE C 121 14.79 -6.16 40.95
CA ILE C 121 14.50 -7.50 40.47
C ILE C 121 15.84 -8.21 40.21
N ILE C 122 16.76 -7.50 39.56
CA ILE C 122 18.09 -8.08 39.29
C ILE C 122 18.83 -8.32 40.60
N TYR C 123 18.87 -7.30 41.44
CA TYR C 123 19.60 -7.43 42.70
C TYR C 123 19.06 -8.59 43.54
N ASP C 124 17.74 -8.60 43.73
CA ASP C 124 17.13 -9.60 44.62
C ASP C 124 17.33 -11.02 44.09
N LEU C 125 17.24 -11.17 42.76
CA LEU C 125 17.35 -12.47 42.17
C LEU C 125 18.73 -13.06 42.35
N TRP C 126 19.77 -12.30 42.02
CA TRP C 126 21.11 -12.83 42.17
C TRP C 126 21.48 -13.11 43.62
N GLU C 127 21.03 -12.25 44.52
CA GLU C 127 21.32 -12.48 45.93
C GLU C 127 20.67 -13.81 46.34
N SER C 128 19.44 -14.02 45.88
CA SER C 128 18.71 -15.25 46.21
C SER C 128 19.39 -16.48 45.63
N MET C 129 19.93 -16.38 44.41
CA MET C 129 20.66 -17.52 43.81
C MET C 129 21.94 -17.87 44.56
N ARG C 130 22.71 -16.84 44.93
CA ARG C 130 23.91 -17.03 45.75
C ARG C 130 23.58 -17.61 47.14
N ALA C 131 22.44 -17.22 47.68
CA ALA C 131 22.04 -17.78 48.98
C ALA C 131 21.76 -19.28 48.85
N HIS C 132 21.28 -19.70 47.67
CA HIS C 132 20.93 -21.10 47.43
C HIS C 132 22.13 -21.96 47.04
N ASP C 133 23.00 -21.42 46.20
CA ASP C 133 24.21 -22.12 45.81
C ASP C 133 25.22 -21.09 45.35
N ARG C 134 26.07 -20.65 46.25
CA ARG C 134 26.96 -19.54 45.98
C ARG C 134 27.92 -19.85 44.80
N GLU C 135 28.57 -21.00 44.86
CA GLU C 135 29.59 -21.33 43.84
C GLU C 135 28.96 -21.45 42.45
N MET C 136 27.83 -22.15 42.36
CA MET C 136 27.20 -22.29 41.07
C MET C 136 26.59 -21.01 40.55
N ALA C 137 26.10 -20.16 41.46
CA ALA C 137 25.52 -18.91 41.03
C ALA C 137 26.60 -17.99 40.43
N ASP C 138 27.77 -18.01 41.07
CA ASP C 138 28.87 -17.11 40.70
C ASP C 138 29.35 -17.46 39.30
N GLU C 139 29.18 -18.72 38.94
CA GLU C 139 29.63 -19.19 37.64
C GLU C 139 28.72 -18.74 36.51
N ILE C 140 27.59 -18.11 36.81
CA ILE C 140 26.70 -17.64 35.76
C ILE C 140 26.98 -16.17 35.44
N LEU C 141 27.65 -15.49 36.35
CA LEU C 141 27.79 -14.03 36.24
C LEU C 141 28.55 -13.60 34.99
N GLU C 142 29.81 -14.04 34.84
CA GLU C 142 30.55 -13.58 33.67
C GLU C 142 29.91 -14.01 32.34
N PRO C 143 29.35 -15.23 32.26
CA PRO C 143 28.59 -15.54 31.02
C PRO C 143 27.40 -14.56 30.75
N VAL C 144 26.72 -14.09 31.78
CA VAL C 144 25.65 -13.13 31.53
C VAL C 144 26.24 -11.81 31.05
N PHE C 145 27.35 -11.39 31.67
CA PHE C 145 27.94 -10.09 31.32
C PHE C 145 28.45 -10.08 29.89
N LEU C 146 28.97 -11.22 29.46
CA LEU C 146 29.51 -11.39 28.10
C LEU C 146 28.38 -11.27 27.09
N PHE C 147 27.25 -11.85 27.45
CA PHE C 147 26.05 -11.74 26.63
C PHE C 147 25.54 -10.31 26.58
N MET C 148 25.44 -9.66 27.75
CA MET C 148 24.97 -8.30 27.80
C MET C 148 25.82 -7.36 26.94
N ARG C 149 27.14 -7.55 27.04
CA ARG C 149 28.02 -6.75 26.22
C ARG C 149 27.88 -7.04 24.71
N ALA C 150 27.61 -8.28 24.31
CA ALA C 150 27.38 -8.58 22.88
C ALA C 150 26.13 -7.89 22.34
N GLN C 151 25.17 -7.61 23.21
CA GLN C 151 23.88 -7.08 22.77
C GLN C 151 23.94 -5.72 22.15
N THR C 152 24.91 -4.93 22.57
CA THR C 152 25.07 -3.54 22.17
C THR C 152 26.40 -3.28 21.47
N ASP C 153 27.06 -4.35 21.03
CA ASP C 153 28.36 -4.27 20.37
C ASP C 153 28.11 -3.68 18.96
N ARG C 154 28.86 -2.64 18.61
CA ARG C 154 28.75 -1.99 17.31
C ARG C 154 29.02 -2.92 16.13
N THR C 155 29.66 -4.05 16.40
CA THR C 155 29.89 -5.02 15.35
C THR C 155 28.56 -5.41 14.68
N ARG C 156 27.45 -5.30 15.41
CA ARG C 156 26.11 -5.60 14.89
C ARG C 156 25.76 -4.76 13.71
N ALA C 157 26.38 -3.59 13.60
CA ALA C 157 26.00 -2.67 12.53
C ALA C 157 26.99 -2.72 11.36
N ARG C 158 27.95 -3.63 11.42
CA ARG C 158 29.00 -3.73 10.38
C ARG C 158 28.85 -5.06 9.61
N PRO C 159 29.43 -5.14 8.39
CA PRO C 159 29.27 -6.36 7.57
C PRO C 159 29.72 -7.64 8.25
N MET C 160 28.93 -8.70 8.10
CA MET C 160 29.29 -10.00 8.67
C MET C 160 28.97 -11.09 7.67
N GLY C 161 29.84 -12.09 7.61
CA GLY C 161 29.56 -13.29 6.84
C GLY C 161 28.88 -14.26 7.76
N LEU C 162 28.44 -15.40 7.23
CA LEU C 162 27.78 -16.40 8.04
C LEU C 162 28.68 -16.87 9.21
N GLY C 163 29.97 -17.09 8.89
CA GLY C 163 30.87 -17.57 9.93
C GLY C 163 31.11 -16.55 11.03
N GLY C 164 31.46 -15.34 10.63
CA GLY C 164 31.64 -14.24 11.57
C GLY C 164 30.38 -14.06 12.44
N TYR C 165 29.21 -14.08 11.80
CA TYR C 165 27.94 -13.91 12.54
C TYR C 165 27.81 -14.98 13.61
N LEU C 166 28.02 -16.24 13.24
CA LEU C 166 27.83 -17.33 14.20
C LEU C 166 28.76 -17.23 15.43
N GLU C 167 29.98 -16.74 15.20
CA GLU C 167 30.95 -16.57 16.26
C GLU C 167 30.48 -15.46 17.20
N TYR C 168 29.99 -14.36 16.64
CA TYR C 168 29.45 -13.27 17.46
C TYR C 168 28.14 -13.67 18.18
N ARG C 169 27.27 -14.38 17.47
CA ARG C 169 25.95 -14.69 17.99
C ARG C 169 26.03 -15.68 19.14
N GLU C 170 27.12 -16.45 19.25
CA GLU C 170 27.31 -17.32 20.41
C GLU C 170 27.22 -16.50 21.70
N ARG C 171 27.72 -15.26 21.65
CA ARG C 171 27.65 -14.38 22.79
C ARG C 171 26.25 -13.77 22.87
N ASP C 172 25.78 -13.23 21.76
CA ASP C 172 24.49 -12.51 21.74
C ASP C 172 23.28 -13.38 22.05
N VAL C 173 23.39 -14.66 21.70
CA VAL C 173 22.36 -15.65 22.06
C VAL C 173 22.48 -16.14 23.53
N GLY C 174 23.60 -15.87 24.17
CA GLY C 174 23.80 -16.27 25.58
C GLY C 174 24.02 -17.75 25.77
N LYS C 175 24.72 -18.41 24.84
CA LYS C 175 25.00 -19.83 24.96
C LYS C 175 25.67 -20.16 26.28
N GLU C 176 26.66 -19.35 26.66
CA GLU C 176 27.42 -19.66 27.85
C GLU C 176 26.58 -19.47 29.12
N LEU C 177 25.75 -18.43 29.14
CA LEU C 177 24.94 -18.22 30.36
C LEU C 177 23.91 -19.34 30.48
N LEU C 178 23.34 -19.77 29.35
CA LEU C 178 22.39 -20.89 29.38
C LEU C 178 23.02 -22.16 29.87
N ALA C 179 24.27 -22.39 29.48
CA ALA C 179 24.98 -23.57 29.94
C ALA C 179 25.20 -23.53 31.48
N ALA C 180 25.68 -22.40 31.99
CA ALA C 180 25.92 -22.27 33.44
C ALA C 180 24.59 -22.29 34.21
N LEU C 181 23.58 -21.67 33.63
CA LEU C 181 22.26 -21.65 34.27
C LEU C 181 21.71 -23.08 34.30
N MET C 182 21.87 -23.79 33.18
CA MET C 182 21.46 -25.21 33.19
C MET C 182 22.11 -25.99 34.31
N ARG C 183 23.44 -25.84 34.46
CA ARG C 183 24.18 -26.59 35.46
C ARG C 183 23.72 -26.16 36.84
N PHE C 184 23.58 -24.85 37.02
CA PHE C 184 23.05 -24.35 38.31
C PHE C 184 21.72 -25.04 38.63
N SER C 185 20.82 -25.04 37.66
CA SER C 185 19.45 -25.52 37.86
C SER C 185 19.42 -27.01 38.23
N MET C 186 20.40 -27.77 37.72
CA MET C 186 20.42 -29.20 37.93
C MET C 186 21.30 -29.57 39.11
N GLY C 187 22.00 -28.58 39.64
CA GLY C 187 23.04 -28.81 40.65
C GLY C 187 24.16 -29.67 40.08
N LEU C 188 24.34 -29.55 38.75
CA LEU C 188 25.29 -30.39 38.01
C LEU C 188 26.67 -29.73 38.01
N LYS C 189 27.56 -30.24 38.83
CA LYS C 189 28.92 -29.73 38.96
C LYS C 189 29.89 -30.43 38.00
N LEU C 190 30.57 -29.67 37.16
CA LEU C 190 31.54 -30.24 36.21
C LEU C 190 32.92 -29.65 36.52
N SER C 191 33.95 -30.48 36.44
CA SER C 191 35.33 -30.00 36.67
C SER C 191 35.79 -29.20 35.47
N PRO C 192 36.85 -28.40 35.65
CA PRO C 192 37.41 -27.66 34.51
C PRO C 192 37.75 -28.61 33.36
N SER C 193 38.36 -29.74 33.68
CA SER C 193 38.73 -30.69 32.65
C SER C 193 37.51 -31.25 31.91
N GLU C 194 36.46 -31.58 32.66
CA GLU C 194 35.23 -32.03 32.00
C GLU C 194 34.64 -31.01 31.08
N LEU C 195 34.53 -29.76 31.55
CA LEU C 195 34.04 -28.70 30.68
C LEU C 195 34.88 -28.52 29.40
N GLN C 196 36.20 -28.64 29.54
CA GLN C 196 37.08 -28.46 28.39
C GLN C 196 36.77 -29.55 27.36
N ARG C 197 36.43 -30.74 27.83
CA ARG C 197 36.19 -31.89 26.95
C ARG C 197 35.00 -31.67 26.06
N VAL C 198 34.04 -30.88 26.52
CA VAL C 198 32.83 -30.66 25.70
C VAL C 198 32.75 -29.29 25.02
N ARG C 199 33.88 -28.61 24.90
CA ARG C 199 33.88 -27.32 24.21
C ARG C 199 33.38 -27.33 22.76
N GLU C 200 33.82 -28.30 21.95
CA GLU C 200 33.31 -28.38 20.56
C GLU C 200 31.80 -28.69 20.54
N ILE C 201 31.38 -29.56 21.45
CA ILE C 201 29.92 -29.81 21.63
C ILE C 201 29.17 -28.52 21.96
N ASP C 202 29.70 -27.73 22.91
CA ASP C 202 29.06 -26.44 23.21
C ASP C 202 28.96 -25.52 22.00
N ALA C 203 30.07 -25.35 21.27
CA ALA C 203 30.10 -24.47 20.10
C ALA C 203 29.08 -24.88 19.04
N ASN C 204 28.94 -26.18 18.82
CA ASN C 204 28.02 -26.71 17.79
C ASN C 204 26.58 -26.38 18.20
N CYS C 205 26.30 -26.60 19.49
CA CYS C 205 24.99 -26.38 20.10
C CYS C 205 24.56 -24.90 19.97
N SER C 206 25.50 -23.98 20.22
CA SER C 206 25.27 -22.56 20.03
C SER C 206 24.72 -22.20 18.66
N LYS C 207 25.31 -22.80 17.61
CA LYS C 207 24.86 -22.50 16.27
C LYS C 207 23.38 -22.92 16.06
N HIS C 208 23.04 -24.08 16.55
CA HIS C 208 21.68 -24.60 16.43
C HIS C 208 20.69 -23.65 17.18
N LEU C 209 20.96 -23.34 18.45
CA LEU C 209 20.09 -22.42 19.18
C LEU C 209 19.92 -21.10 18.47
N SER C 210 21.03 -20.53 17.98
CA SER C 210 21.05 -19.24 17.29
C SER C 210 20.21 -19.22 16.02
N VAL C 211 20.45 -20.19 15.15
CA VAL C 211 19.71 -20.26 13.89
C VAL C 211 18.24 -20.68 14.07
N VAL C 212 17.96 -21.62 14.96
CA VAL C 212 16.57 -22.00 15.23
C VAL C 212 15.82 -20.74 15.68
N ASN C 213 16.41 -19.97 16.60
CA ASN C 213 15.82 -18.68 16.94
C ASN C 213 15.72 -17.73 15.78
N ASP C 214 16.80 -17.65 15.01
CA ASP C 214 16.81 -16.68 13.92
C ASP C 214 15.66 -17.00 12.95
N ILE C 215 15.41 -18.27 12.73
CA ILE C 215 14.42 -18.66 11.74
C ILE C 215 13.01 -18.25 12.21
N TYR C 216 12.67 -18.65 13.44
CA TYR C 216 11.33 -18.42 13.96
C TYR C 216 11.09 -16.98 14.33
N SER C 217 12.17 -16.29 14.71
CA SER C 217 12.05 -14.90 15.13
C SER C 217 12.26 -13.90 14.02
N TYR C 218 12.42 -14.38 12.77
CA TYR C 218 12.71 -13.43 11.69
C TYR C 218 11.63 -12.34 11.45
N GLU C 219 10.39 -12.80 11.42
CA GLU C 219 9.26 -11.92 11.14
C GLU C 219 9.17 -10.79 12.17
N LYS C 220 9.27 -11.17 13.44
CA LYS C 220 9.26 -10.21 14.56
C LYS C 220 10.42 -9.23 14.40
N GLU C 221 11.61 -9.76 14.16
CA GLU C 221 12.78 -8.89 14.04
C GLU C 221 12.74 -7.96 12.83
N LEU C 222 12.20 -8.47 11.72
CA LEU C 222 12.03 -7.62 10.53
C LEU C 222 11.14 -6.39 10.83
N TYR C 223 10.00 -6.64 11.47
CA TYR C 223 9.11 -5.55 11.86
C TYR C 223 9.83 -4.57 12.78
N THR C 224 10.53 -5.10 13.77
CA THR C 224 11.27 -4.24 14.69
C THR C 224 12.24 -3.36 13.90
N SER C 225 12.94 -3.95 12.94
CA SER C 225 13.96 -3.16 12.21
C SER C 225 13.36 -1.95 11.46
N LYS C 226 12.07 -2.05 11.15
CA LYS C 226 11.37 -0.99 10.44
C LYS C 226 10.71 0.00 11.40
N THR C 227 10.50 -0.41 12.65
CA THR C 227 9.74 0.41 13.59
C THR C 227 10.48 0.99 14.81
N ALA C 228 11.48 0.24 15.31
CA ALA C 228 12.16 0.60 16.56
C ALA C 228 13.34 1.54 16.34
N HIS C 229 14.37 1.43 17.17
CA HIS C 229 15.55 2.29 17.01
C HIS C 229 16.43 1.85 15.84
N SER C 230 17.07 2.79 15.16
CA SER C 230 17.89 2.41 14.00
C SER C 230 19.06 1.53 14.43
N GLU C 231 19.55 1.75 15.65
CA GLU C 231 20.65 0.95 16.19
C GLU C 231 20.09 -0.26 16.93
N GLY C 232 19.38 -0.02 18.03
CA GLY C 232 18.84 -1.12 18.79
C GLY C 232 18.00 -2.07 17.98
N GLY C 233 17.34 -1.56 16.95
CA GLY C 233 16.45 -2.40 16.19
C GLY C 233 17.03 -3.02 14.92
N ILE C 234 18.30 -2.75 14.65
CA ILE C 234 18.96 -3.24 13.42
C ILE C 234 18.77 -4.73 13.18
N LEU C 235 18.57 -5.08 11.90
CA LEU C 235 18.37 -6.45 11.52
C LEU C 235 19.75 -7.12 11.40
N CYS C 236 20.05 -7.96 12.38
CA CYS C 236 21.30 -8.72 12.39
C CYS C 236 20.93 -10.18 12.63
N THR C 237 20.91 -11.00 11.59
CA THR C 237 20.41 -12.38 11.73
C THR C 237 20.89 -13.30 10.60
N SER C 238 20.99 -14.61 10.87
CA SER C 238 21.48 -15.57 9.87
C SER C 238 20.55 -15.69 8.68
N VAL C 239 19.25 -15.53 8.93
CA VAL C 239 18.28 -15.42 7.83
C VAL C 239 18.65 -14.33 6.83
N GLN C 240 18.86 -13.10 7.27
CA GLN C 240 19.18 -12.05 6.31
C GLN C 240 20.58 -12.22 5.71
N ILE C 241 21.52 -12.68 6.52
CA ILE C 241 22.89 -12.83 6.04
C ILE C 241 22.97 -13.87 4.92
N LEU C 242 22.34 -15.02 5.12
CA LEU C 242 22.40 -16.07 4.12
C LEU C 242 21.69 -15.62 2.85
N ALA C 243 20.54 -14.97 3.02
CA ALA C 243 19.72 -14.54 1.90
C ALA C 243 20.51 -13.56 1.06
N GLN C 244 21.31 -12.74 1.70
CA GLN C 244 22.17 -11.79 0.98
C GLN C 244 23.40 -12.45 0.32
N GLU C 245 24.04 -13.39 1.01
CA GLU C 245 25.17 -14.11 0.43
C GLU C 245 24.79 -14.97 -0.79
N ALA C 246 23.61 -15.58 -0.76
CA ALA C 246 23.18 -16.51 -1.80
C ALA C 246 22.16 -15.91 -2.79
N ASP C 247 21.83 -14.63 -2.60
CA ASP C 247 20.84 -13.93 -3.44
C ASP C 247 19.51 -14.66 -3.52
N VAL C 248 18.94 -14.98 -2.37
CA VAL C 248 17.65 -15.63 -2.33
C VAL C 248 16.66 -14.88 -1.40
N THR C 249 15.47 -15.43 -1.20
CA THR C 249 14.51 -14.80 -0.29
C THR C 249 14.81 -15.21 1.15
N ALA C 250 14.37 -14.38 2.09
CA ALA C 250 14.38 -14.76 3.51
C ALA C 250 13.79 -16.13 3.67
N GLU C 251 12.66 -16.37 2.99
CA GLU C 251 11.96 -17.65 3.11
C GLU C 251 12.82 -18.82 2.64
N ALA C 252 13.56 -18.57 1.55
CA ALA C 252 14.46 -19.54 0.96
C ALA C 252 15.57 -19.81 1.98
N ALA C 253 16.15 -18.74 2.51
CA ALA C 253 17.21 -18.86 3.50
C ALA C 253 16.76 -19.70 4.68
N LYS C 254 15.51 -19.50 5.13
CA LYS C 254 15.01 -20.28 6.26
C LYS C 254 14.99 -21.75 6.02
N ARG C 255 14.59 -22.17 4.82
CA ARG C 255 14.54 -23.60 4.57
C ARG C 255 15.98 -24.21 4.57
N VAL C 256 16.95 -23.46 4.06
CA VAL C 256 18.33 -23.95 3.96
C VAL C 256 18.96 -23.99 5.34
N LEU C 257 18.80 -22.89 6.08
CA LEU C 257 19.30 -22.80 7.47
C LEU C 257 18.73 -23.93 8.28
N PHE C 258 17.47 -24.27 8.01
CA PHE C 258 16.83 -25.33 8.80
C PHE C 258 17.53 -26.64 8.50
N VAL C 259 17.92 -26.86 7.25
CA VAL C 259 18.61 -28.10 6.92
C VAL C 259 19.99 -28.12 7.59
N MET C 260 20.63 -26.97 7.63
CA MET C 260 21.89 -26.84 8.35
CA MET C 260 21.88 -26.80 8.35
C MET C 260 21.73 -27.17 9.84
N CYS C 261 20.62 -26.73 10.45
CA CYS C 261 20.39 -27.06 11.87
C CYS C 261 20.34 -28.58 12.06
N ARG C 262 19.74 -29.30 11.11
CA ARG C 262 19.71 -30.74 11.24
C ARG C 262 21.13 -31.36 11.11
N GLU C 263 22.01 -30.70 10.37
CA GLU C 263 23.40 -31.20 10.29
C GLU C 263 24.09 -30.99 11.65
N TRP C 264 23.77 -29.87 12.29
CA TRP C 264 24.35 -29.61 13.61
C TRP C 264 23.83 -30.65 14.61
N GLU C 265 22.61 -31.16 14.43
CA GLU C 265 22.10 -32.24 15.30
C GLU C 265 22.87 -33.54 15.08
N LEU C 266 23.09 -33.89 13.82
CA LEU C 266 23.93 -35.05 13.50
C LEU C 266 25.33 -34.90 14.09
N ARG C 267 25.92 -33.72 13.91
CA ARG C 267 27.25 -33.44 14.50
C ARG C 267 27.25 -33.64 16.02
N HIS C 268 26.24 -33.08 16.66
CA HIS C 268 26.13 -33.25 18.13
C HIS C 268 26.15 -34.73 18.48
N GLN C 269 25.35 -35.52 17.77
CA GLN C 269 25.32 -36.95 18.07
C GLN C 269 26.68 -37.63 17.87
N LEU C 270 27.35 -37.27 16.78
CA LEU C 270 28.64 -37.84 16.45
C LEU C 270 29.70 -37.53 17.52
N LEU C 271 29.75 -36.27 17.94
CA LEU C 271 30.71 -35.83 18.96
C LEU C 271 30.47 -36.51 20.29
N VAL C 272 29.21 -36.64 20.65
CA VAL C 272 28.87 -37.32 21.91
C VAL C 272 29.22 -38.82 21.83
N ALA C 273 28.87 -39.45 20.69
CA ALA C 273 29.24 -40.86 20.49
C ALA C 273 30.73 -41.06 20.59
N ARG C 274 31.50 -40.14 20.02
CA ARG C 274 32.94 -40.24 20.08
C ARG C 274 33.47 -40.05 21.51
N LEU C 275 32.91 -39.08 22.23
CA LEU C 275 33.31 -38.86 23.64
C LEU C 275 33.15 -40.13 24.46
N SER C 276 31.97 -40.73 24.31
CA SER C 276 31.62 -41.98 24.98
C SER C 276 32.56 -43.08 24.53
N ALA C 277 32.69 -43.24 23.21
CA ALA C 277 33.61 -44.26 22.65
C ALA C 277 35.02 -44.19 23.23
N GLU C 278 35.58 -42.97 23.33
CA GLU C 278 36.93 -42.76 23.84
C GLU C 278 37.05 -42.89 25.36
N GLY C 279 35.99 -43.35 26.03
CA GLY C 279 36.04 -43.54 27.47
C GLY C 279 35.99 -42.23 28.27
N LEU C 280 35.55 -41.16 27.62
CA LEU C 280 35.64 -39.81 28.21
C LEU C 280 34.32 -39.23 28.74
N GLU C 281 33.21 -39.93 28.53
CA GLU C 281 31.94 -39.40 28.98
C GLU C 281 31.66 -39.80 30.42
N THR C 282 32.01 -38.93 31.35
CA THR C 282 31.73 -39.19 32.78
C THR C 282 30.22 -39.08 33.07
N PRO C 283 29.77 -39.56 34.24
CA PRO C 283 28.32 -39.39 34.47
C PRO C 283 27.85 -37.93 34.39
N GLY C 284 28.66 -37.00 34.92
CA GLY C 284 28.29 -35.59 34.79
C GLY C 284 28.21 -35.13 33.34
N LEU C 285 29.20 -35.53 32.56
CA LEU C 285 29.15 -35.19 31.13
C LEU C 285 27.96 -35.80 30.41
N ALA C 286 27.57 -37.03 30.73
CA ALA C 286 26.43 -37.64 30.07
C ALA C 286 25.20 -36.78 30.35
N ALA C 287 25.05 -36.38 31.60
CA ALA C 287 23.93 -35.52 32.01
C ALA C 287 23.97 -34.18 31.27
N TYR C 288 25.18 -33.62 31.12
CA TYR C 288 25.32 -32.30 30.50
C TYR C 288 24.97 -32.33 29.00
N VAL C 289 25.50 -33.31 28.26
CA VAL C 289 25.24 -33.29 26.81
C VAL C 289 23.79 -33.63 26.48
N GLU C 290 23.17 -34.47 27.28
CA GLU C 290 21.71 -34.67 27.18
C GLU C 290 20.99 -33.35 27.43
N GLY C 291 21.47 -32.63 28.45
CA GLY C 291 20.87 -31.36 28.78
C GLY C 291 20.94 -30.39 27.63
N LEU C 292 22.07 -30.39 26.89
CA LEU C 292 22.19 -29.51 25.73
C LEU C 292 21.17 -29.88 24.67
N GLU C 293 20.97 -31.18 24.47
CA GLU C 293 20.00 -31.64 23.48
C GLU C 293 18.57 -31.10 23.85
N TYR C 294 18.23 -31.15 25.13
CA TYR C 294 16.96 -30.54 25.58
C TYR C 294 16.88 -29.08 25.22
N GLN C 295 17.98 -28.34 25.43
CA GLN C 295 17.96 -26.93 25.06
C GLN C 295 17.65 -26.77 23.59
N MET C 296 18.25 -27.59 22.73
CA MET C 296 18.04 -27.45 21.30
C MET C 296 16.61 -27.80 20.87
N SER C 297 16.15 -28.94 21.34
CA SER C 297 14.81 -29.39 20.95
C SER C 297 13.72 -28.52 21.62
N GLY C 298 13.97 -28.12 22.88
CA GLY C 298 13.03 -27.28 23.61
C GLY C 298 12.90 -25.91 23.00
N ASN C 299 14.05 -25.35 22.61
CA ASN C 299 14.08 -24.07 21.92
C ASN C 299 13.26 -24.12 20.65
N GLU C 300 13.40 -25.23 19.94
CA GLU C 300 12.70 -25.37 18.66
C GLU C 300 11.17 -25.46 18.91
N LEU C 301 10.77 -26.38 19.79
CA LEU C 301 9.35 -26.58 20.16
C LEU C 301 8.71 -25.26 20.60
N TRP C 302 9.36 -24.57 21.53
CA TRP C 302 8.81 -23.28 21.96
C TRP C 302 8.76 -22.26 20.82
N SER C 303 9.80 -22.23 19.98
CA SER C 303 9.83 -21.15 19.00
C SER C 303 8.71 -21.33 17.96
N GLN C 304 8.34 -22.57 17.72
CA GLN C 304 7.30 -22.94 16.74
C GLN C 304 5.92 -22.54 17.22
N THR C 305 5.75 -22.53 18.54
CA THR C 305 4.42 -22.37 19.15
C THR C 305 4.17 -21.02 19.82
N THR C 306 5.23 -20.31 20.22
CA THR C 306 5.03 -19.07 20.99
C THR C 306 4.48 -17.87 20.23
N LEU C 307 3.46 -17.24 20.82
CA LEU C 307 2.90 -16.01 20.29
C LEU C 307 3.91 -14.90 20.10
N ARG C 308 5.05 -14.99 20.79
CA ARG C 308 6.09 -13.98 20.64
C ARG C 308 6.54 -13.87 19.16
N TYR C 309 6.57 -15.00 18.48
CA TYR C 309 7.07 -15.01 17.10
C TYR C 309 5.94 -15.06 16.04
N SER C 310 4.77 -15.59 16.41
CA SER C 310 3.65 -15.71 15.47
C SER C 310 2.83 -14.40 15.34
N VAL C 311 2.75 -13.63 16.42
CA VAL C 311 2.12 -12.31 16.41
C VAL C 311 3.09 -11.20 16.86
N LEU D 8 25.22 -39.91 -1.50
CA LEU D 8 24.61 -38.57 -1.66
C LEU D 8 23.30 -38.56 -2.46
N GLU D 9 22.19 -38.24 -1.79
CA GLU D 9 20.88 -38.24 -2.44
C GLU D 9 20.39 -36.84 -2.82
N PRO D 10 20.31 -36.55 -4.13
CA PRO D 10 19.85 -35.24 -4.61
C PRO D 10 18.39 -34.95 -4.19
N PRO D 11 18.12 -33.75 -3.67
CA PRO D 11 16.77 -33.33 -3.32
C PRO D 11 15.94 -33.12 -4.58
N PRO D 12 14.63 -33.42 -4.52
CA PRO D 12 13.73 -33.34 -5.69
C PRO D 12 13.93 -32.07 -6.52
N SER D 13 13.89 -32.21 -7.84
CA SER D 13 13.93 -31.04 -8.71
C SER D 13 12.80 -31.19 -9.71
N THR D 14 12.42 -30.06 -10.32
CA THR D 14 11.43 -30.05 -11.38
C THR D 14 12.12 -29.87 -12.73
N PHE D 15 13.41 -29.53 -12.70
CA PHE D 15 14.17 -29.38 -13.93
C PHE D 15 14.38 -30.72 -14.62
N GLN D 16 14.04 -30.76 -15.89
CA GLN D 16 14.24 -31.95 -16.70
C GLN D 16 15.46 -31.76 -17.60
N PRO D 17 16.36 -32.77 -17.62
CA PRO D 17 17.55 -32.67 -18.48
C PRO D 17 17.26 -33.23 -19.87
N LEU D 18 17.84 -32.58 -20.89
CA LEU D 18 17.72 -33.01 -22.28
C LEU D 18 19.12 -33.23 -22.89
N CYS D 19 19.31 -34.30 -23.66
CA CYS D 19 20.58 -34.53 -24.36
C CYS D 19 20.42 -34.39 -25.87
N HIS D 20 21.40 -33.74 -26.53
CA HIS D 20 21.42 -33.69 -28.00
C HIS D 20 21.24 -35.07 -28.66
N PRO D 21 20.45 -35.12 -29.75
CA PRO D 21 20.21 -36.40 -30.43
C PRO D 21 21.49 -37.02 -31.04
N LEU D 22 22.39 -36.17 -31.53
CA LEU D 22 23.63 -36.66 -32.15
C LEU D 22 24.79 -36.85 -31.16
N VAL D 23 24.47 -37.20 -29.91
CA VAL D 23 25.51 -37.36 -28.88
C VAL D 23 26.53 -38.43 -29.25
N GLU D 24 26.08 -39.63 -29.60
CA GLU D 24 26.98 -40.75 -29.85
C GLU D 24 27.95 -40.51 -31.00
N GLU D 25 27.50 -39.75 -31.99
CA GLU D 25 28.28 -39.48 -33.21
C GLU D 25 29.24 -38.32 -33.04
N VAL D 26 28.75 -37.22 -32.47
CA VAL D 26 29.60 -36.05 -32.29
C VAL D 26 30.70 -36.36 -31.25
N SER D 27 30.39 -37.16 -30.24
CA SER D 27 31.39 -37.48 -29.24
C SER D 27 32.51 -38.31 -29.89
N LYS D 28 32.12 -39.41 -30.56
CA LYS D 28 33.07 -40.28 -31.26
C LYS D 28 33.99 -39.48 -32.17
N GLU D 29 33.46 -38.48 -32.84
CA GLU D 29 34.25 -37.60 -33.70
C GLU D 29 35.22 -36.68 -32.91
N VAL D 30 34.74 -36.06 -31.85
CA VAL D 30 35.58 -35.11 -31.12
C VAL D 30 36.60 -35.83 -30.18
N ASP D 31 36.15 -36.90 -29.52
CA ASP D 31 37.02 -37.77 -28.72
C ASP D 31 38.11 -38.27 -29.66
N GLY D 32 37.69 -38.78 -30.81
CA GLY D 32 38.61 -39.37 -31.79
C GLY D 32 39.64 -38.36 -32.23
N TYR D 33 39.24 -37.10 -32.39
CA TYR D 33 40.19 -36.04 -32.78
C TYR D 33 41.24 -35.73 -31.71
N PHE D 34 40.78 -35.49 -30.49
CA PHE D 34 41.73 -35.21 -29.43
C PHE D 34 42.68 -36.40 -29.23
N LEU D 35 42.14 -37.60 -29.27
CA LEU D 35 42.97 -38.80 -29.18
C LEU D 35 44.08 -38.86 -30.27
N GLN D 36 43.84 -38.26 -31.42
CA GLN D 36 44.85 -38.21 -32.49
C GLN D 36 45.84 -37.06 -32.24
N HIS D 37 45.36 -35.94 -31.73
CA HIS D 37 46.18 -34.71 -31.71
C HIS D 37 46.72 -34.24 -30.36
N TRP D 38 46.00 -34.53 -29.27
CA TRP D 38 46.39 -34.01 -27.96
C TRP D 38 47.59 -34.77 -27.40
N ASN D 39 48.48 -34.06 -26.71
CA ASN D 39 49.63 -34.72 -26.07
C ASN D 39 49.28 -35.42 -24.74
N PHE D 40 48.66 -36.58 -24.82
CA PHE D 40 48.39 -37.36 -23.62
C PHE D 40 49.68 -38.07 -23.21
N PRO D 41 49.93 -38.22 -21.89
CA PRO D 41 51.21 -38.80 -21.40
C PRO D 41 51.32 -40.29 -21.56
N ASN D 42 50.20 -41.00 -21.52
CA ASN D 42 50.18 -42.45 -21.59
C ASN D 42 48.77 -42.93 -21.85
N GLU D 43 48.61 -44.24 -21.98
CA GLU D 43 47.35 -44.83 -22.38
C GLU D 43 46.33 -44.73 -21.24
N LYS D 44 46.83 -44.71 -20.00
CA LYS D 44 45.93 -44.55 -18.88
C LYS D 44 45.24 -43.19 -18.98
N ALA D 45 45.99 -42.18 -19.42
CA ALA D 45 45.43 -40.85 -19.58
C ALA D 45 44.45 -40.79 -20.74
N ARG D 46 44.72 -41.55 -21.80
CA ARG D 46 43.83 -41.59 -22.96
C ARG D 46 42.49 -42.20 -22.55
N LYS D 47 42.52 -43.30 -21.81
CA LYS D 47 41.34 -43.94 -21.31
C LYS D 47 40.56 -43.07 -20.31
N LYS D 48 41.27 -42.34 -19.46
CA LYS D 48 40.58 -41.47 -18.50
C LYS D 48 39.89 -40.31 -19.22
N PHE D 49 40.52 -39.79 -20.29
CA PHE D 49 39.96 -38.69 -21.07
C PHE D 49 38.60 -39.07 -21.70
N VAL D 50 38.50 -40.33 -22.15
CA VAL D 50 37.30 -40.84 -22.82
C VAL D 50 36.26 -41.13 -21.77
N ALA D 51 36.71 -41.71 -20.65
CA ALA D 51 35.84 -41.98 -19.51
C ALA D 51 35.10 -40.74 -19.00
N ALA D 52 35.68 -39.56 -19.19
CA ALA D 52 35.12 -38.30 -18.70
C ALA D 52 33.86 -37.91 -19.45
N GLY D 53 33.86 -38.15 -20.75
CA GLY D 53 32.72 -37.77 -21.59
C GLY D 53 32.53 -36.28 -21.74
N PHE D 54 33.55 -35.57 -22.19
CA PHE D 54 33.48 -34.14 -22.35
C PHE D 54 32.48 -33.71 -23.44
N SER D 55 32.37 -34.52 -24.48
CA SER D 55 31.33 -34.24 -25.48
C SER D 55 29.92 -34.55 -24.95
N ARG D 56 29.76 -35.60 -24.15
CA ARG D 56 28.47 -35.88 -23.48
C ARG D 56 27.88 -34.69 -22.70
N VAL D 57 28.71 -33.99 -21.92
CA VAL D 57 28.24 -32.81 -21.20
C VAL D 57 27.95 -31.63 -22.07
N THR D 58 28.74 -31.44 -23.13
CA THR D 58 28.44 -30.35 -24.02
C THR D 58 27.05 -30.55 -24.63
N CYS D 59 26.64 -31.81 -24.80
CA CYS D 59 25.37 -32.16 -25.45
C CYS D 59 24.20 -32.15 -24.46
N LEU D 60 24.51 -32.39 -23.19
CA LEU D 60 23.59 -32.15 -22.09
C LEU D 60 23.46 -30.65 -21.82
N TYR D 61 24.53 -29.89 -22.05
CA TYR D 61 24.45 -28.44 -21.87
C TYR D 61 23.61 -27.78 -22.93
N PHE D 62 23.80 -28.21 -24.17
CA PHE D 62 23.20 -27.52 -25.31
C PHE D 62 22.39 -28.49 -26.15
N PRO D 63 21.31 -29.05 -25.57
CA PRO D 63 20.59 -30.11 -26.29
C PRO D 63 19.88 -29.56 -27.54
N LYS D 64 19.66 -28.25 -27.60
CA LYS D 64 18.98 -27.64 -28.75
C LYS D 64 19.99 -26.94 -29.69
N ALA D 65 21.22 -27.44 -29.70
CA ALA D 65 22.22 -26.93 -30.63
C ALA D 65 21.88 -27.37 -32.06
N LEU D 66 22.18 -26.52 -33.02
CA LEU D 66 22.01 -26.90 -34.44
C LEU D 66 22.90 -28.08 -34.76
N ASP D 67 22.38 -29.01 -35.57
CA ASP D 67 23.03 -30.29 -35.82
C ASP D 67 24.46 -30.20 -36.34
N ASP D 68 24.79 -29.06 -36.92
CA ASP D 68 26.06 -28.85 -37.57
C ASP D 68 26.87 -27.81 -36.84
N ARG D 69 26.50 -27.56 -35.58
CA ARG D 69 27.27 -26.61 -34.79
C ARG D 69 27.70 -27.22 -33.45
N ILE D 70 27.04 -28.32 -33.08
CA ILE D 70 27.27 -28.92 -31.78
C ILE D 70 28.73 -29.42 -31.62
N HIS D 71 29.29 -29.96 -32.70
CA HIS D 71 30.66 -30.47 -32.65
C HIS D 71 31.61 -29.34 -32.24
N PHE D 72 31.38 -28.13 -32.75
CA PHE D 72 32.22 -26.98 -32.38
C PHE D 72 32.23 -26.74 -30.86
N ALA D 73 31.04 -26.77 -30.28
CA ALA D 73 30.91 -26.50 -28.85
C ALA D 73 31.68 -27.59 -28.12
N CYS D 74 31.37 -28.84 -28.48
CA CYS D 74 32.06 -30.00 -27.92
C CYS D 74 33.60 -29.88 -27.95
N ARG D 75 34.13 -29.25 -29.00
CA ARG D 75 35.59 -29.14 -29.12
C ARG D 75 36.14 -28.11 -28.16
N LEU D 76 35.42 -27.00 -28.03
CA LEU D 76 35.87 -25.88 -27.25
C LEU D 76 35.91 -26.25 -25.78
N LEU D 77 34.87 -26.98 -25.35
CA LEU D 77 34.71 -27.33 -23.93
C LEU D 77 35.69 -28.45 -23.60
N THR D 78 35.84 -29.40 -24.53
CA THR D 78 36.81 -30.49 -24.36
C THR D 78 38.20 -29.94 -24.16
N VAL D 79 38.65 -29.05 -25.05
CA VAL D 79 39.98 -28.49 -24.86
C VAL D 79 40.08 -27.65 -23.58
N LEU D 80 39.00 -26.93 -23.24
CA LEU D 80 39.07 -26.08 -22.05
C LEU D 80 39.17 -26.90 -20.77
N PHE D 81 38.50 -28.05 -20.75
CA PHE D 81 38.64 -29.03 -19.68
C PHE D 81 40.10 -29.48 -19.56
N LEU D 82 40.68 -29.95 -20.66
CA LEU D 82 42.07 -30.44 -20.63
C LEU D 82 43.01 -29.39 -20.08
N ILE D 83 42.86 -28.14 -20.50
CA ILE D 83 43.70 -27.09 -19.98
C ILE D 83 43.41 -26.86 -18.48
N ASP D 84 42.13 -26.93 -18.14
CA ASP D 84 41.71 -26.76 -16.73
C ASP D 84 42.53 -27.69 -15.79
N ASP D 85 42.68 -28.95 -16.20
CA ASP D 85 43.48 -29.92 -15.45
C ASP D 85 44.98 -29.62 -15.42
N LEU D 86 45.55 -29.25 -16.57
CA LEU D 86 46.95 -28.86 -16.63
C LEU D 86 47.31 -27.70 -15.70
N LEU D 87 46.41 -26.73 -15.58
CA LEU D 87 46.70 -25.52 -14.83
C LEU D 87 46.93 -25.88 -13.34
N GLU D 88 46.38 -27.00 -12.91
CA GLU D 88 46.47 -27.39 -11.49
C GLU D 88 47.91 -27.67 -11.04
N TYR D 89 48.79 -27.93 -12.01
CA TYR D 89 50.19 -28.24 -11.73
C TYR D 89 51.11 -27.06 -11.96
N MET D 90 50.54 -25.88 -12.16
CA MET D 90 51.30 -24.67 -12.38
C MET D 90 51.05 -23.64 -11.28
N SER D 91 52.01 -22.72 -11.12
CA SER D 91 51.80 -21.56 -10.27
C SER D 91 50.73 -20.65 -10.88
N PHE D 92 50.37 -19.60 -10.17
CA PHE D 92 49.44 -18.61 -10.73
C PHE D 92 50.08 -17.97 -11.97
N GLU D 93 51.34 -17.58 -11.83
CA GLU D 93 52.12 -16.91 -12.89
C GLU D 93 52.29 -17.76 -14.15
N GLU D 94 52.68 -19.02 -13.95
CA GLU D 94 52.78 -20.04 -15.00
C GLU D 94 51.48 -20.29 -15.72
N GLY D 95 50.42 -20.48 -14.94
CA GLY D 95 49.11 -20.72 -15.52
C GLY D 95 48.68 -19.50 -16.32
N SER D 96 48.90 -18.31 -15.77
CA SER D 96 48.57 -17.11 -16.49
C SER D 96 49.35 -17.06 -17.81
N ALA D 97 50.66 -17.22 -17.75
CA ALA D 97 51.49 -17.19 -18.95
C ALA D 97 50.98 -18.17 -20.00
N TYR D 98 50.73 -19.40 -19.58
CA TYR D 98 50.19 -20.46 -20.43
C TYR D 98 48.87 -20.07 -21.10
N ASN D 99 47.94 -19.55 -20.29
CA ASN D 99 46.65 -19.12 -20.83
C ASN D 99 46.82 -17.91 -21.77
N GLU D 100 47.64 -16.94 -21.38
CA GLU D 100 47.78 -15.70 -22.15
C GLU D 100 48.31 -15.98 -23.56
N LYS D 101 49.25 -16.91 -23.65
CA LYS D 101 49.82 -17.35 -24.92
C LYS D 101 48.76 -17.84 -25.89
N LEU D 102 47.76 -18.55 -25.36
CA LEU D 102 46.66 -19.03 -26.19
C LEU D 102 45.60 -17.98 -26.57
N ILE D 103 45.66 -16.80 -25.98
CA ILE D 103 44.63 -15.77 -26.23
C ILE D 103 44.74 -15.14 -27.63
N PRO D 104 45.94 -14.66 -28.03
CA PRO D 104 46.08 -14.17 -29.41
C PRO D 104 45.77 -15.25 -30.45
N ILE D 105 46.12 -16.49 -30.16
CA ILE D 105 45.95 -17.58 -31.09
C ILE D 105 44.47 -17.86 -31.26
N SER D 106 43.74 -17.67 -30.17
CA SER D 106 42.28 -17.86 -30.19
C SER D 106 41.61 -16.85 -31.11
N ARG D 107 42.13 -15.63 -31.11
CA ARG D 107 41.61 -14.58 -31.96
C ARG D 107 41.95 -14.87 -33.42
N GLY D 108 43.09 -15.54 -33.62
CA GLY D 108 43.61 -15.80 -34.96
C GLY D 108 44.68 -14.80 -35.33
N ASP D 109 45.01 -13.91 -34.39
CA ASP D 109 45.98 -12.84 -34.63
C ASP D 109 47.43 -13.30 -34.61
N VAL D 110 47.66 -14.48 -34.03
CA VAL D 110 49.00 -15.02 -33.92
C VAL D 110 48.95 -16.48 -34.35
N LEU D 111 49.97 -16.90 -35.09
CA LEU D 111 49.98 -18.26 -35.66
C LEU D 111 50.43 -19.31 -34.64
N PRO D 112 49.79 -20.47 -34.67
CA PRO D 112 50.17 -21.55 -33.75
C PRO D 112 51.49 -22.16 -34.20
N ASP D 113 52.34 -22.51 -33.23
CA ASP D 113 53.48 -23.40 -33.48
C ASP D 113 52.95 -24.83 -33.63
N ARG D 114 53.08 -25.40 -34.83
CA ARG D 114 52.46 -26.70 -35.15
C ARG D 114 53.13 -27.91 -34.51
N SER D 115 54.28 -27.69 -33.89
CA SER D 115 54.95 -28.72 -33.11
C SER D 115 54.43 -28.79 -31.67
N ILE D 116 53.56 -27.85 -31.32
CA ILE D 116 52.92 -27.80 -30.00
C ILE D 116 51.40 -27.94 -30.12
N PRO D 117 50.89 -29.13 -29.85
CA PRO D 117 49.48 -29.42 -30.12
C PRO D 117 48.49 -28.41 -29.53
N VAL D 118 48.64 -28.00 -28.26
CA VAL D 118 47.64 -27.09 -27.67
C VAL D 118 47.49 -25.84 -28.54
N GLU D 119 48.61 -25.32 -29.03
CA GLU D 119 48.59 -24.13 -29.86
C GLU D 119 47.82 -24.34 -31.16
N TYR D 120 48.11 -25.41 -31.90
CA TYR D 120 47.41 -25.56 -33.19
C TYR D 120 45.96 -26.04 -33.06
N ILE D 121 45.64 -26.76 -31.99
CA ILE D 121 44.26 -27.18 -31.72
C ILE D 121 43.36 -25.96 -31.46
N ILE D 122 43.84 -25.03 -30.64
CA ILE D 122 43.11 -23.80 -30.33
C ILE D 122 42.92 -22.97 -31.60
N TYR D 123 44.01 -22.76 -32.32
CA TYR D 123 43.95 -22.04 -33.59
C TYR D 123 42.89 -22.56 -34.56
N ASP D 124 42.91 -23.86 -34.84
CA ASP D 124 42.04 -24.45 -35.88
C ASP D 124 40.57 -24.47 -35.45
N LEU D 125 40.34 -24.65 -34.15
CA LEU D 125 38.98 -24.60 -33.60
C LEU D 125 38.41 -23.22 -33.87
N TRP D 126 39.13 -22.19 -33.45
CA TRP D 126 38.60 -20.85 -33.53
C TRP D 126 38.38 -20.45 -34.99
N GLU D 127 39.29 -20.88 -35.86
CA GLU D 127 39.17 -20.62 -37.29
C GLU D 127 37.93 -21.28 -37.84
N SER D 128 37.77 -22.57 -37.59
CA SER D 128 36.60 -23.29 -38.10
C SER D 128 35.26 -22.70 -37.61
N MET D 129 35.30 -22.06 -36.44
CA MET D 129 34.11 -21.41 -35.89
C MET D 129 33.87 -20.05 -36.59
N ARG D 130 34.91 -19.24 -36.71
CA ARG D 130 34.82 -18.00 -37.44
C ARG D 130 34.41 -18.25 -38.91
N ALA D 131 34.87 -19.35 -39.47
CA ALA D 131 34.47 -19.72 -40.82
C ALA D 131 32.98 -19.93 -40.86
N HIS D 132 32.46 -20.64 -39.86
CA HIS D 132 31.08 -21.14 -39.93
C HIS D 132 30.04 -20.10 -39.58
N ASP D 133 30.45 -19.08 -38.84
CA ASP D 133 29.59 -17.98 -38.39
C ASP D 133 30.45 -16.96 -37.63
N ARG D 134 31.14 -16.08 -38.35
CA ARG D 134 32.07 -15.15 -37.71
C ARG D 134 31.42 -14.21 -36.69
N GLU D 135 30.11 -14.00 -36.84
CA GLU D 135 29.37 -13.05 -36.01
C GLU D 135 29.24 -13.59 -34.59
N MET D 136 28.61 -14.74 -34.49
CA MET D 136 28.40 -15.42 -33.24
C MET D 136 29.68 -16.04 -32.64
N ALA D 137 30.62 -16.43 -33.49
CA ALA D 137 31.90 -16.94 -33.01
C ALA D 137 32.67 -15.87 -32.26
N ASP D 138 32.67 -14.64 -32.76
CA ASP D 138 33.48 -13.57 -32.16
C ASP D 138 32.97 -13.12 -30.79
N GLU D 139 31.70 -13.43 -30.54
CA GLU D 139 31.04 -13.10 -29.27
C GLU D 139 31.41 -14.09 -28.15
N ILE D 140 32.02 -15.22 -28.51
CA ILE D 140 32.47 -16.18 -27.52
C ILE D 140 33.85 -15.86 -27.00
N LEU D 141 34.58 -15.02 -27.71
CA LEU D 141 35.97 -14.74 -27.37
C LEU D 141 36.20 -14.07 -26.02
N GLU D 142 35.65 -12.87 -25.83
CA GLU D 142 35.82 -12.21 -24.55
C GLU D 142 35.29 -12.98 -23.31
N PRO D 143 34.12 -13.63 -23.43
CA PRO D 143 33.69 -14.58 -22.39
C PRO D 143 34.75 -15.63 -22.04
N VAL D 144 35.40 -16.20 -23.06
CA VAL D 144 36.47 -17.16 -22.82
C VAL D 144 37.68 -16.53 -22.14
N PHE D 145 38.11 -15.36 -22.59
CA PHE D 145 39.31 -14.75 -21.97
C PHE D 145 39.06 -14.27 -20.53
N LEU D 146 37.83 -13.82 -20.27
CA LEU D 146 37.41 -13.44 -18.93
C LEU D 146 37.56 -14.65 -18.01
N PHE D 147 36.93 -15.76 -18.42
CA PHE D 147 37.06 -17.05 -17.75
C PHE D 147 38.51 -17.52 -17.56
N MET D 148 39.33 -17.33 -18.58
CA MET D 148 40.73 -17.77 -18.49
C MET D 148 41.54 -16.99 -17.49
N ARG D 149 41.30 -15.68 -17.43
CA ARG D 149 42.03 -14.85 -16.50
C ARG D 149 41.55 -15.07 -15.05
N ALA D 150 40.25 -15.32 -14.89
CA ALA D 150 39.69 -15.78 -13.61
C ALA D 150 40.39 -17.03 -13.03
N GLN D 151 40.83 -17.96 -13.89
CA GLN D 151 41.46 -19.23 -13.47
C GLN D 151 42.75 -19.12 -12.66
N THR D 152 43.47 -18.00 -12.80
CA THR D 152 44.78 -17.81 -12.16
C THR D 152 44.85 -16.51 -11.35
N ASP D 153 43.68 -15.95 -11.06
CA ASP D 153 43.56 -14.72 -10.30
C ASP D 153 44.10 -14.94 -8.87
N ARG D 154 45.02 -14.09 -8.43
CA ARG D 154 45.65 -14.22 -7.11
C ARG D 154 44.61 -14.27 -5.98
N THR D 155 43.44 -13.69 -6.23
CA THR D 155 42.32 -13.78 -5.29
C THR D 155 42.04 -15.19 -4.72
N ARG D 156 42.36 -16.24 -5.48
CA ARG D 156 42.15 -17.62 -5.04
C ARG D 156 42.97 -18.01 -3.81
N ALA D 157 44.02 -17.26 -3.55
CA ALA D 157 44.93 -17.50 -2.40
C ALA D 157 44.58 -16.66 -1.16
N ARG D 158 43.39 -16.05 -1.17
CA ARG D 158 42.93 -15.24 -0.07
C ARG D 158 41.63 -15.82 0.42
N PRO D 159 41.38 -15.76 1.73
CA PRO D 159 40.09 -16.26 2.25
C PRO D 159 38.94 -15.55 1.54
N MET D 160 37.85 -16.28 1.28
CA MET D 160 36.65 -15.75 0.66
C MET D 160 35.40 -16.20 1.41
N GLY D 161 34.44 -15.30 1.55
CA GLY D 161 33.15 -15.66 2.10
C GLY D 161 32.31 -16.19 0.95
N LEU D 162 31.19 -16.80 1.28
CA LEU D 162 30.32 -17.43 0.31
C LEU D 162 29.84 -16.45 -0.77
N GLY D 163 29.58 -15.20 -0.39
CA GLY D 163 29.15 -14.17 -1.31
C GLY D 163 30.22 -13.67 -2.25
N GLY D 164 31.39 -13.36 -1.73
CA GLY D 164 32.54 -13.03 -2.53
C GLY D 164 32.91 -14.20 -3.45
N TYR D 165 32.80 -15.43 -2.94
CA TYR D 165 33.14 -16.58 -3.77
C TYR D 165 32.23 -16.73 -5.00
N LEU D 166 30.92 -16.68 -4.77
CA LEU D 166 29.97 -16.89 -5.85
C LEU D 166 30.13 -15.78 -6.88
N GLU D 167 30.41 -14.57 -6.41
CA GLU D 167 30.63 -13.44 -7.30
C GLU D 167 31.85 -13.68 -8.21
N TYR D 168 32.90 -14.25 -7.64
CA TYR D 168 34.12 -14.58 -8.40
C TYR D 168 33.94 -15.84 -9.24
N ARG D 169 33.21 -16.84 -8.72
CA ARG D 169 33.11 -18.12 -9.39
C ARG D 169 32.33 -18.02 -10.68
N GLU D 170 31.51 -16.98 -10.81
CA GLU D 170 30.77 -16.77 -12.05
C GLU D 170 31.76 -16.66 -13.22
N ARG D 171 32.87 -15.97 -13.00
CA ARG D 171 33.92 -15.96 -14.01
C ARG D 171 34.63 -17.31 -14.12
N ASP D 172 35.08 -17.86 -13.00
CA ASP D 172 35.89 -19.08 -13.03
C ASP D 172 35.15 -20.31 -13.56
N VAL D 173 33.82 -20.37 -13.42
CA VAL D 173 33.09 -21.55 -13.85
C VAL D 173 32.86 -21.43 -15.36
N GLY D 174 32.98 -20.22 -15.90
CA GLY D 174 32.75 -19.98 -17.32
C GLY D 174 31.31 -19.66 -17.71
N LYS D 175 30.62 -18.84 -16.92
CA LYS D 175 29.19 -18.61 -17.18
C LYS D 175 28.95 -17.90 -18.51
N GLU D 176 29.58 -16.74 -18.66
CA GLU D 176 29.43 -15.94 -19.87
C GLU D 176 29.82 -16.77 -21.12
N LEU D 177 30.93 -17.53 -21.04
CA LEU D 177 31.29 -18.39 -22.16
C LEU D 177 30.28 -19.49 -22.46
N LEU D 178 29.75 -20.18 -21.46
CA LEU D 178 28.72 -21.17 -21.78
C LEU D 178 27.43 -20.52 -22.36
N ALA D 179 27.20 -19.26 -22.00
CA ALA D 179 26.03 -18.55 -22.54
C ALA D 179 26.27 -18.22 -24.02
N ALA D 180 27.35 -17.48 -24.29
CA ALA D 180 27.76 -17.18 -25.66
C ALA D 180 27.93 -18.44 -26.54
N LEU D 181 28.44 -19.53 -25.97
CA LEU D 181 28.60 -20.79 -26.70
C LEU D 181 27.26 -21.43 -26.97
N MET D 182 26.35 -21.33 -26.01
CA MET D 182 25.01 -21.88 -26.18
C MET D 182 24.32 -21.14 -27.31
N ARG D 183 24.49 -19.82 -27.33
CA ARG D 183 23.86 -19.00 -28.35
C ARG D 183 24.40 -19.40 -29.72
N PHE D 184 25.72 -19.25 -29.89
CA PHE D 184 26.39 -19.74 -31.08
C PHE D 184 25.86 -21.11 -31.52
N SER D 185 25.88 -22.09 -30.63
CA SER D 185 25.49 -23.44 -31.02
C SER D 185 24.04 -23.58 -31.51
N MET D 186 23.19 -22.63 -31.13
CA MET D 186 21.77 -22.74 -31.49
C MET D 186 21.42 -21.79 -32.64
N GLY D 187 22.34 -20.87 -32.93
CA GLY D 187 22.10 -19.80 -33.88
C GLY D 187 21.16 -18.75 -33.29
N LEU D 188 21.12 -18.71 -31.96
CA LEU D 188 20.23 -17.84 -31.21
C LEU D 188 20.78 -16.40 -31.05
N LYS D 189 20.40 -15.51 -31.96
CA LYS D 189 20.80 -14.11 -31.89
C LYS D 189 19.96 -13.37 -30.85
N LEU D 190 20.57 -12.38 -30.18
CA LEU D 190 19.89 -11.56 -29.16
C LEU D 190 20.44 -10.12 -29.15
N SER D 191 19.53 -9.14 -29.10
CA SER D 191 19.88 -7.71 -29.07
C SER D 191 20.48 -7.32 -27.72
N PRO D 192 21.28 -6.23 -27.71
CA PRO D 192 21.83 -5.69 -26.45
C PRO D 192 20.77 -5.43 -25.36
N SER D 193 19.56 -5.05 -25.76
CA SER D 193 18.48 -4.86 -24.79
C SER D 193 17.93 -6.19 -24.30
N GLU D 194 17.85 -7.17 -25.21
CA GLU D 194 17.33 -8.49 -24.88
C GLU D 194 18.20 -9.26 -23.88
N LEU D 195 19.51 -9.01 -23.92
CA LEU D 195 20.46 -9.69 -23.04
C LEU D 195 20.66 -8.92 -21.73
N GLN D 196 20.59 -7.60 -21.80
CA GLN D 196 20.80 -6.76 -20.65
C GLN D 196 19.72 -6.95 -19.60
N ARG D 197 18.54 -7.39 -20.01
CA ARG D 197 17.42 -7.56 -19.09
C ARG D 197 17.15 -8.99 -18.62
N VAL D 198 18.18 -9.82 -18.64
CA VAL D 198 18.10 -11.15 -18.02
C VAL D 198 19.34 -11.44 -17.20
N ARG D 199 20.18 -10.42 -17.04
CA ARG D 199 21.40 -10.48 -16.24
C ARG D 199 21.16 -11.08 -14.85
N GLU D 200 19.96 -10.83 -14.32
CA GLU D 200 19.56 -11.36 -13.03
C GLU D 200 19.30 -12.85 -13.13
N ILE D 201 18.70 -13.27 -14.24
CA ILE D 201 18.51 -14.69 -14.49
C ILE D 201 19.87 -15.38 -14.72
N ASP D 202 20.82 -14.62 -15.28
CA ASP D 202 22.16 -15.16 -15.59
C ASP D 202 22.94 -15.40 -14.28
N ALA D 203 22.97 -14.37 -13.43
CA ALA D 203 23.54 -14.50 -12.08
C ALA D 203 22.98 -15.71 -11.35
N ASN D 204 21.65 -15.81 -11.21
CA ASN D 204 21.05 -16.97 -10.54
C ASN D 204 21.49 -18.32 -11.12
N CYS D 205 21.53 -18.40 -12.45
CA CYS D 205 21.93 -19.64 -13.13
C CYS D 205 23.38 -20.07 -12.80
N SER D 206 24.27 -19.09 -12.85
CA SER D 206 25.69 -19.27 -12.57
C SER D 206 25.94 -19.83 -11.18
N LYS D 207 25.26 -19.26 -10.19
CA LYS D 207 25.43 -19.79 -8.84
C LYS D 207 25.07 -21.29 -8.82
N HIS D 208 24.00 -21.66 -9.51
CA HIS D 208 23.54 -23.06 -9.55
C HIS D 208 24.59 -23.96 -10.23
N LEU D 209 25.15 -23.47 -11.34
CA LEU D 209 26.10 -24.27 -12.13
C LEU D 209 27.35 -24.51 -11.28
N SER D 210 27.84 -23.42 -10.73
CA SER D 210 29.03 -23.37 -9.90
C SER D 210 28.98 -24.32 -8.74
N VAL D 211 27.84 -24.34 -8.05
CA VAL D 211 27.71 -25.07 -6.80
C VAL D 211 27.38 -26.52 -7.06
N VAL D 212 26.65 -26.80 -8.13
CA VAL D 212 26.42 -28.19 -8.44
C VAL D 212 27.80 -28.77 -8.84
N ASN D 213 28.59 -27.98 -9.54
CA ASN D 213 29.91 -28.50 -9.90
C ASN D 213 30.78 -28.68 -8.62
N ASP D 214 30.78 -27.65 -7.76
CA ASP D 214 31.54 -27.70 -6.50
C ASP D 214 31.24 -28.97 -5.74
N ILE D 215 29.95 -29.30 -5.62
CA ILE D 215 29.49 -30.46 -4.91
C ILE D 215 30.01 -31.78 -5.43
N TYR D 216 29.88 -31.99 -6.74
CA TYR D 216 30.28 -33.28 -7.26
C TYR D 216 31.79 -33.38 -7.47
N SER D 217 32.41 -32.25 -7.75
CA SER D 217 33.86 -32.27 -7.96
C SER D 217 34.70 -32.13 -6.69
N TYR D 218 34.05 -32.06 -5.53
CA TYR D 218 34.82 -31.79 -4.30
C TYR D 218 35.92 -32.80 -4.03
N GLU D 219 35.60 -34.08 -4.08
CA GLU D 219 36.60 -35.07 -3.72
C GLU D 219 37.81 -34.98 -4.63
N LYS D 220 37.57 -34.76 -5.90
CA LYS D 220 38.65 -34.63 -6.88
C LYS D 220 39.53 -33.42 -6.58
N GLU D 221 38.90 -32.30 -6.24
CA GLU D 221 39.62 -31.07 -5.99
C GLU D 221 40.38 -31.09 -4.65
N LEU D 222 39.83 -31.80 -3.69
CA LEU D 222 40.46 -32.00 -2.37
C LEU D 222 41.75 -32.80 -2.60
N TYR D 223 41.63 -33.88 -3.34
CA TYR D 223 42.83 -34.65 -3.72
C TYR D 223 43.88 -33.80 -4.46
N THR D 224 43.43 -33.03 -5.44
CA THR D 224 44.30 -32.11 -6.16
C THR D 224 45.01 -31.09 -5.26
N SER D 225 44.29 -30.55 -4.28
CA SER D 225 44.92 -29.59 -3.36
C SER D 225 46.05 -30.21 -2.56
N LYS D 226 45.97 -31.51 -2.34
CA LYS D 226 46.99 -32.19 -1.55
C LYS D 226 48.20 -32.59 -2.39
N THR D 227 48.02 -32.68 -3.71
CA THR D 227 48.99 -33.39 -4.54
C THR D 227 49.55 -32.55 -5.69
N ALA D 228 48.80 -31.53 -6.12
CA ALA D 228 49.26 -30.70 -7.23
C ALA D 228 50.02 -29.47 -6.73
N HIS D 229 50.10 -28.43 -7.55
CA HIS D 229 50.84 -27.24 -7.18
C HIS D 229 50.16 -26.50 -6.01
N SER D 230 50.98 -25.93 -5.13
CA SER D 230 50.45 -25.21 -3.97
C SER D 230 49.54 -24.03 -4.39
N GLU D 231 49.76 -23.44 -5.56
CA GLU D 231 48.85 -22.40 -6.06
C GLU D 231 47.79 -22.95 -7.03
N GLY D 232 48.25 -23.56 -8.12
CA GLY D 232 47.29 -24.13 -9.06
C GLY D 232 46.27 -25.10 -8.45
N GLY D 233 46.68 -25.83 -7.41
CA GLY D 233 45.87 -26.91 -6.89
C GLY D 233 44.96 -26.47 -5.73
N ILE D 234 45.05 -25.19 -5.39
CA ILE D 234 44.41 -24.62 -4.21
C ILE D 234 42.92 -24.94 -4.11
N LEU D 235 42.46 -25.28 -2.91
CA LEU D 235 41.09 -25.73 -2.74
C LEU D 235 40.15 -24.53 -2.58
N CYS D 236 39.54 -24.10 -3.68
CA CYS D 236 38.67 -22.93 -3.67
C CYS D 236 37.31 -23.40 -4.12
N THR D 237 36.36 -23.53 -3.21
CA THR D 237 35.12 -24.18 -3.51
C THR D 237 34.05 -23.85 -2.45
N SER D 238 32.82 -23.64 -2.91
CA SER D 238 31.69 -23.38 -1.99
C SER D 238 31.58 -24.44 -0.87
N VAL D 239 31.93 -25.69 -1.17
CA VAL D 239 31.82 -26.78 -0.23
C VAL D 239 32.76 -26.55 0.97
N GLN D 240 33.99 -26.16 0.68
CA GLN D 240 34.96 -25.91 1.76
C GLN D 240 34.58 -24.66 2.54
N ILE D 241 34.09 -23.65 1.82
CA ILE D 241 33.74 -22.40 2.47
C ILE D 241 32.59 -22.62 3.45
N LEU D 242 31.55 -23.36 3.02
CA LEU D 242 30.42 -23.59 3.89
C LEU D 242 30.80 -24.46 5.07
N ALA D 243 31.60 -25.49 4.81
CA ALA D 243 32.06 -26.37 5.86
C ALA D 243 32.79 -25.54 6.92
N GLN D 244 33.60 -24.57 6.50
CA GLN D 244 34.36 -23.75 7.46
C GLN D 244 33.47 -22.72 8.18
N GLU D 245 32.61 -22.05 7.43
CA GLU D 245 31.72 -21.06 8.02
C GLU D 245 30.72 -21.70 9.01
N ALA D 246 30.17 -22.87 8.66
CA ALA D 246 29.17 -23.51 9.51
C ALA D 246 29.78 -24.49 10.51
N ASP D 247 31.09 -24.74 10.39
CA ASP D 247 31.77 -25.77 11.16
C ASP D 247 31.07 -27.11 11.02
N VAL D 248 30.88 -27.55 9.78
CA VAL D 248 30.40 -28.90 9.52
C VAL D 248 31.35 -29.65 8.56
N THR D 249 31.17 -30.95 8.40
CA THR D 249 31.95 -31.70 7.42
C THR D 249 31.63 -31.28 5.99
N ALA D 250 32.54 -31.60 5.09
CA ALA D 250 32.31 -31.36 3.67
C ALA D 250 31.03 -32.03 3.23
N GLU D 251 30.82 -33.27 3.68
CA GLU D 251 29.63 -34.02 3.29
C GLU D 251 28.33 -33.36 3.77
N ALA D 252 28.34 -32.88 5.02
CA ALA D 252 27.22 -32.07 5.51
C ALA D 252 27.01 -30.85 4.65
N ALA D 253 28.10 -30.18 4.29
CA ALA D 253 28.01 -28.95 3.55
C ALA D 253 27.42 -29.17 2.15
N LYS D 254 27.72 -30.34 1.55
CA LYS D 254 27.16 -30.66 0.22
C LYS D 254 25.63 -30.78 0.32
N ARG D 255 25.16 -31.45 1.37
CA ARG D 255 23.73 -31.62 1.59
C ARG D 255 23.00 -30.29 1.67
N VAL D 256 23.55 -29.38 2.47
CA VAL D 256 23.02 -28.05 2.58
C VAL D 256 23.06 -27.24 1.28
N LEU D 257 24.21 -27.20 0.63
CA LEU D 257 24.34 -26.58 -0.68
C LEU D 257 23.31 -27.15 -1.67
N PHE D 258 23.04 -28.43 -1.60
CA PHE D 258 22.17 -29.06 -2.62
C PHE D 258 20.74 -28.53 -2.47
N VAL D 259 20.30 -28.40 -1.23
CA VAL D 259 19.01 -27.76 -0.94
C VAL D 259 19.01 -26.33 -1.43
N MET D 260 20.12 -25.65 -1.24
CA MET D 260 20.27 -24.28 -1.75
C MET D 260 20.20 -24.20 -3.29
N CYS D 261 20.68 -25.25 -3.96
CA CYS D 261 20.58 -25.25 -5.41
C CYS D 261 19.10 -25.22 -5.82
N ARG D 262 18.29 -26.10 -5.21
CA ARG D 262 16.86 -26.15 -5.47
C ARG D 262 16.18 -24.79 -5.23
N GLU D 263 16.67 -24.00 -4.28
CA GLU D 263 16.15 -22.66 -4.09
C GLU D 263 16.48 -21.77 -5.29
N TRP D 264 17.67 -21.94 -5.84
CA TRP D 264 18.06 -21.19 -7.03
C TRP D 264 17.21 -21.60 -8.26
N GLU D 265 16.86 -22.88 -8.33
CA GLU D 265 15.97 -23.37 -9.36
C GLU D 265 14.66 -22.59 -9.21
N LEU D 266 14.11 -22.61 -7.99
CA LEU D 266 12.89 -21.89 -7.68
C LEU D 266 12.96 -20.43 -8.10
N ARG D 267 14.05 -19.76 -7.77
CA ARG D 267 14.23 -18.38 -8.16
C ARG D 267 14.23 -18.23 -9.68
N HIS D 268 14.75 -19.27 -10.36
CA HIS D 268 14.87 -19.20 -11.84
C HIS D 268 13.49 -19.10 -12.47
N GLN D 269 12.70 -20.16 -12.29
CA GLN D 269 11.37 -20.21 -12.86
C GLN D 269 10.48 -19.07 -12.35
N LEU D 270 10.85 -18.48 -11.21
CA LEU D 270 10.17 -17.30 -10.70
C LEU D 270 10.54 -16.07 -11.51
N LEU D 271 11.84 -15.87 -11.76
CA LEU D 271 12.29 -14.73 -12.55
C LEU D 271 11.84 -14.86 -14.01
N VAL D 272 11.58 -16.10 -14.43
CA VAL D 272 11.18 -16.41 -15.81
C VAL D 272 9.72 -16.01 -16.02
N ALA D 273 8.85 -16.53 -15.14
CA ALA D 273 7.45 -16.11 -15.13
C ALA D 273 7.31 -14.60 -15.01
N ARG D 274 8.21 -13.97 -14.25
CA ARG D 274 8.15 -12.53 -13.97
C ARG D 274 8.36 -11.60 -15.17
N LEU D 275 9.47 -11.77 -15.90
CA LEU D 275 9.66 -10.93 -17.09
C LEU D 275 8.65 -11.27 -18.20
N SER D 276 8.01 -12.44 -18.08
CA SER D 276 6.86 -12.79 -18.90
C SER D 276 5.60 -11.97 -18.51
N ALA D 277 5.43 -11.76 -17.20
CA ALA D 277 4.33 -10.97 -16.67
C ALA D 277 4.39 -9.52 -17.12
N GLU D 278 5.55 -8.88 -17.00
CA GLU D 278 5.74 -7.57 -17.62
C GLU D 278 5.99 -7.78 -19.12
N GLY D 279 6.38 -6.71 -19.81
CA GLY D 279 6.52 -6.79 -21.26
C GLY D 279 7.97 -6.89 -21.70
N LEU D 280 8.60 -8.00 -21.35
CA LEU D 280 10.03 -8.15 -21.62
C LEU D 280 10.39 -9.45 -22.37
N GLU D 281 9.54 -10.48 -22.23
CA GLU D 281 9.80 -11.78 -22.85
C GLU D 281 9.56 -11.85 -24.36
N THR D 282 10.63 -11.70 -25.14
CA THR D 282 10.57 -11.91 -26.58
C THR D 282 10.58 -13.42 -26.86
N PRO D 283 10.46 -13.84 -28.13
CA PRO D 283 10.58 -15.29 -28.34
C PRO D 283 12.06 -15.79 -28.25
N GLY D 284 13.00 -14.88 -28.45
CA GLY D 284 14.42 -15.18 -28.30
C GLY D 284 14.80 -15.47 -26.84
N LEU D 285 14.37 -14.58 -25.94
CA LEU D 285 14.55 -14.78 -24.51
C LEU D 285 13.90 -16.08 -24.08
N ALA D 286 12.75 -16.39 -24.65
CA ALA D 286 12.04 -17.64 -24.35
C ALA D 286 12.93 -18.87 -24.60
N ALA D 287 13.70 -18.81 -25.70
CA ALA D 287 14.54 -19.94 -26.06
C ALA D 287 15.73 -20.01 -25.10
N TYR D 288 16.33 -18.84 -24.88
CA TYR D 288 17.52 -18.65 -24.05
C TYR D 288 17.37 -19.16 -22.61
N VAL D 289 16.32 -18.74 -21.91
CA VAL D 289 16.13 -19.08 -20.50
C VAL D 289 15.78 -20.57 -20.35
N GLU D 290 15.12 -21.13 -21.37
CA GLU D 290 14.93 -22.56 -21.39
C GLU D 290 16.31 -23.20 -21.63
N GLY D 291 17.16 -22.51 -22.39
CA GLY D 291 18.48 -23.04 -22.69
C GLY D 291 19.30 -23.09 -21.41
N LEU D 292 19.16 -22.02 -20.61
CA LEU D 292 19.77 -21.96 -19.28
C LEU D 292 19.32 -23.11 -18.38
N GLU D 293 18.05 -23.46 -18.40
CA GLU D 293 17.56 -24.60 -17.62
C GLU D 293 18.28 -25.90 -18.03
N TYR D 294 18.57 -26.04 -19.31
CA TYR D 294 19.26 -27.24 -19.80
C TYR D 294 20.71 -27.31 -19.29
N GLN D 295 21.41 -26.19 -19.32
CA GLN D 295 22.74 -26.08 -18.73
C GLN D 295 22.72 -26.53 -17.26
N MET D 296 21.74 -26.05 -16.51
CA MET D 296 21.67 -26.41 -15.10
C MET D 296 21.32 -27.90 -14.87
N SER D 297 20.36 -28.44 -15.62
CA SER D 297 19.90 -29.81 -15.37
C SER D 297 20.82 -30.87 -15.97
N GLY D 298 21.49 -30.48 -17.05
CA GLY D 298 22.38 -31.37 -17.79
C GLY D 298 23.71 -31.42 -17.04
N ASN D 299 24.15 -30.26 -16.56
CA ASN D 299 25.32 -30.20 -15.67
C ASN D 299 25.17 -31.10 -14.46
N GLU D 300 24.05 -30.98 -13.75
CA GLU D 300 23.78 -31.93 -12.69
C GLU D 300 23.77 -33.40 -13.13
N LEU D 301 23.14 -33.70 -14.27
CA LEU D 301 23.03 -35.11 -14.67
C LEU D 301 24.41 -35.68 -15.00
N TRP D 302 25.18 -34.90 -15.74
CA TRP D 302 26.56 -35.34 -16.07
C TRP D 302 27.40 -35.45 -14.78
N SER D 303 27.44 -34.35 -14.04
CA SER D 303 28.27 -34.21 -12.83
C SER D 303 28.02 -35.41 -11.94
N GLN D 304 26.79 -35.93 -11.92
CA GLN D 304 26.47 -37.05 -11.03
C GLN D 304 26.77 -38.41 -11.62
N THR D 305 27.13 -38.44 -12.89
CA THR D 305 27.39 -39.73 -13.53
C THR D 305 28.85 -39.88 -13.97
N THR D 306 29.48 -38.77 -14.40
CA THR D 306 30.83 -38.83 -14.94
C THR D 306 31.87 -39.45 -14.03
N LEU D 307 32.67 -40.34 -14.62
CA LEU D 307 33.80 -40.96 -13.97
C LEU D 307 34.87 -39.92 -13.60
N ARG D 308 34.83 -38.75 -14.21
CA ARG D 308 35.76 -37.70 -13.82
C ARG D 308 35.62 -37.30 -12.34
N TYR D 309 34.42 -37.46 -11.77
CA TYR D 309 34.19 -37.00 -10.40
C TYR D 309 34.04 -38.16 -9.44
N SER D 310 33.70 -39.33 -9.98
CA SER D 310 33.58 -40.51 -9.14
C SER D 310 34.88 -41.33 -9.01
N VAL D 311 35.83 -41.10 -9.92
CA VAL D 311 37.17 -41.70 -9.79
C VAL D 311 38.29 -40.64 -9.92
#